data_5YC3
# 
_entry.id   5YC3 
# 
_audit_conform.dict_name       mmcif_pdbx.dic 
_audit_conform.dict_version    5.380 
_audit_conform.dict_location   http://mmcif.pdb.org/dictionaries/ascii/mmcif_pdbx.dic 
# 
loop_
_database_2.database_id 
_database_2.database_code 
_database_2.pdbx_database_accession 
_database_2.pdbx_DOI 
PDB   5YC3         pdb_00005yc3 10.2210/pdb5yc3/pdb 
WWPDB D_1300005019 ?            ?                   
# 
_pdbx_database_status.status_code                     REL 
_pdbx_database_status.status_code_sf                  REL 
_pdbx_database_status.status_code_mr                  ? 
_pdbx_database_status.entry_id                        5YC3 
_pdbx_database_status.recvd_initial_deposition_date   2017-09-06 
_pdbx_database_status.SG_entry                        N 
_pdbx_database_status.deposit_site                    PDBJ 
_pdbx_database_status.process_site                    PDBJ 
_pdbx_database_status.status_code_cs                  ? 
_pdbx_database_status.methods_development_category    ? 
_pdbx_database_status.pdb_format_compatible           Y 
_pdbx_database_status.status_code_nmr_data            ? 
# 
loop_
_audit_author.name 
_audit_author.pdbx_ordinal 
_audit_author.identifier_ORCID 
'Zhao, S.'  1 ? 
'Zhang, B.' 2 ? 
'Li, H.'    3 ? 
# 
_citation.abstract                  ? 
_citation.abstract_id_CAS           ? 
_citation.book_id_ISBN              ? 
_citation.book_publisher            ? 
_citation.book_publisher_city       ? 
_citation.book_title                ? 
_citation.coordinate_linkage        ? 
_citation.country                   US 
_citation.database_id_Medline       ? 
_citation.details                   ? 
_citation.id                        primary 
_citation.journal_abbrev            'Cell Rep' 
_citation.journal_id_ASTM           ? 
_citation.journal_id_CSD            ? 
_citation.journal_id_ISSN           2211-1247 
_citation.journal_full              ? 
_citation.journal_issue             ? 
_citation.journal_volume            22 
_citation.language                  ? 
_citation.page_first                1090 
_citation.page_last                 1102 
_citation.title                     'Systematic Profiling of Histone Readers in Arabidopsis thaliana.' 
_citation.year                      2018 
_citation.database_id_CSD           ? 
_citation.pdbx_database_id_DOI      10.1016/j.celrep.2017.12.099 
_citation.pdbx_database_id_PubMed   29386129 
_citation.unpublished_flag          ? 
# 
loop_
_citation_author.citation_id 
_citation_author.name 
_citation_author.ordinal 
_citation_author.identifier_ORCID 
primary 'Zhao, S.'  1 ? 
primary 'Zhang, B.' 2 ? 
primary 'Yang, M.'  3 ? 
primary 'Zhu, J.'   4 ? 
primary 'Li, H.'    5 ? 
# 
_cell.angle_alpha                  90.000 
_cell.angle_alpha_esd              ? 
_cell.angle_beta                   90.000 
_cell.angle_beta_esd               ? 
_cell.angle_gamma                  90.000 
_cell.angle_gamma_esd              ? 
_cell.entry_id                     5YC3 
_cell.details                      ? 
_cell.formula_units_Z              ? 
_cell.length_a                     30.921 
_cell.length_a_esd                 ? 
_cell.length_b                     30.921 
_cell.length_b_esd                 ? 
_cell.length_c                     157.029 
_cell.length_c_esd                 ? 
_cell.volume                       ? 
_cell.volume_esd                   ? 
_cell.Z_PDB                        8 
_cell.reciprocal_angle_alpha       ? 
_cell.reciprocal_angle_beta        ? 
_cell.reciprocal_angle_gamma       ? 
_cell.reciprocal_angle_alpha_esd   ? 
_cell.reciprocal_angle_beta_esd    ? 
_cell.reciprocal_angle_gamma_esd   ? 
_cell.reciprocal_length_a          ? 
_cell.reciprocal_length_b          ? 
_cell.reciprocal_length_c          ? 
_cell.reciprocal_length_a_esd      ? 
_cell.reciprocal_length_b_esd      ? 
_cell.reciprocal_length_c_esd      ? 
_cell.pdbx_unique_axis             ? 
# 
_symmetry.entry_id                         5YC3 
_symmetry.cell_setting                     ? 
_symmetry.Int_Tables_number                91 
_symmetry.space_group_name_Hall            ? 
_symmetry.space_group_name_H-M             'P 41 2 2' 
_symmetry.pdbx_full_space_group_name_H-M   ? 
# 
loop_
_entity.id 
_entity.type 
_entity.src_method 
_entity.pdbx_description 
_entity.formula_weight 
_entity.pdbx_number_of_molecules 
_entity.pdbx_ec 
_entity.pdbx_mutation 
_entity.pdbx_fragment 
_entity.details 
1 polymer     man 'PHD finger protein ALFIN-LIKE 3' 6528.371 1  ? ?                  'PHD finger, UNP residues 191-245' ? 
2 polymer     syn H3K4me2                           1090.300 1  ? 'K4 dimethylation' 'H3 peptide 1-15'                  ? 
3 non-polymer syn 'ZINC ION'                        65.409   2  ? ?                  ?                                  ? 
4 water       nat water                             18.015   32 ? ?                  ?                                  ? 
# 
_entity_name_com.entity_id   1 
_entity_name_com.name        'Protein AL3' 
# 
loop_
_entity_poly.entity_id 
_entity_poly.type 
_entity_poly.nstd_linkage 
_entity_poly.nstd_monomer 
_entity_poly.pdbx_seq_one_letter_code 
_entity_poly.pdbx_seq_one_letter_code_can 
_entity_poly.pdbx_strand_id 
_entity_poly.pdbx_target_identifier 
1 'polypeptide(L)' no no  GPLGSDHGETLCGACGDSDGADEFWICCDLCEKWFHGKCVKITPARAEHIKQYKCPSCSN 
GPLGSDHGETLCGACGDSDGADEFWICCDLCEKWFHGKCVKITPARAEHIKQYKCPSCSN A ? 
2 'polypeptide(L)' no yes 'ART(MLY)QTARK'                                              ARTKQTARK P ? 
# 
loop_
_entity_poly_seq.entity_id 
_entity_poly_seq.num 
_entity_poly_seq.mon_id 
_entity_poly_seq.hetero 
1 1  GLY n 
1 2  PRO n 
1 3  LEU n 
1 4  GLY n 
1 5  SER n 
1 6  ASP n 
1 7  HIS n 
1 8  GLY n 
1 9  GLU n 
1 10 THR n 
1 11 LEU n 
1 12 CYS n 
1 13 GLY n 
1 14 ALA n 
1 15 CYS n 
1 16 GLY n 
1 17 ASP n 
1 18 SER n 
1 19 ASP n 
1 20 GLY n 
1 21 ALA n 
1 22 ASP n 
1 23 GLU n 
1 24 PHE n 
1 25 TRP n 
1 26 ILE n 
1 27 CYS n 
1 28 CYS n 
1 29 ASP n 
1 30 LEU n 
1 31 CYS n 
1 32 GLU n 
1 33 LYS n 
1 34 TRP n 
1 35 PHE n 
1 36 HIS n 
1 37 GLY n 
1 38 LYS n 
1 39 CYS n 
1 40 VAL n 
1 41 LYS n 
1 42 ILE n 
1 43 THR n 
1 44 PRO n 
1 45 ALA n 
1 46 ARG n 
1 47 ALA n 
1 48 GLU n 
1 49 HIS n 
1 50 ILE n 
1 51 LYS n 
1 52 GLN n 
1 53 TYR n 
1 54 LYS n 
1 55 CYS n 
1 56 PRO n 
1 57 SER n 
1 58 CYS n 
1 59 SER n 
1 60 ASN n 
2 1  ALA n 
2 2  ARG n 
2 3  THR n 
2 4  MLY n 
2 5  GLN n 
2 6  THR n 
2 7  ALA n 
2 8  ARG n 
2 9  LYS n 
# 
_entity_src_gen.entity_id                          1 
_entity_src_gen.pdbx_src_id                        1 
_entity_src_gen.pdbx_alt_source_flag               sample 
_entity_src_gen.pdbx_seq_type                      'Biological sequence' 
_entity_src_gen.pdbx_beg_seq_num                   1 
_entity_src_gen.pdbx_end_seq_num                   60 
_entity_src_gen.gene_src_common_name               'Mouse-ear cress' 
_entity_src_gen.gene_src_genus                     ? 
_entity_src_gen.pdbx_gene_src_gene                 'AL3, At3g42790, T21C14_10' 
_entity_src_gen.gene_src_species                   ? 
_entity_src_gen.gene_src_strain                    ? 
_entity_src_gen.gene_src_tissue                    ? 
_entity_src_gen.gene_src_tissue_fraction           ? 
_entity_src_gen.gene_src_details                   ? 
_entity_src_gen.pdbx_gene_src_fragment             ? 
_entity_src_gen.pdbx_gene_src_scientific_name      'Arabidopsis thaliana' 
_entity_src_gen.pdbx_gene_src_ncbi_taxonomy_id     3702 
_entity_src_gen.pdbx_gene_src_variant              ? 
_entity_src_gen.pdbx_gene_src_cell_line            ? 
_entity_src_gen.pdbx_gene_src_atcc                 ? 
_entity_src_gen.pdbx_gene_src_organ                ? 
_entity_src_gen.pdbx_gene_src_organelle            ? 
_entity_src_gen.pdbx_gene_src_cell                 ? 
_entity_src_gen.pdbx_gene_src_cellular_location    ? 
_entity_src_gen.host_org_common_name               ? 
_entity_src_gen.pdbx_host_org_scientific_name      'Escherichia coli BL21(DE3)' 
_entity_src_gen.pdbx_host_org_ncbi_taxonomy_id     469008 
_entity_src_gen.host_org_genus                     ? 
_entity_src_gen.pdbx_host_org_gene                 ? 
_entity_src_gen.pdbx_host_org_organ                ? 
_entity_src_gen.host_org_species                   ? 
_entity_src_gen.pdbx_host_org_tissue               ? 
_entity_src_gen.pdbx_host_org_tissue_fraction      ? 
_entity_src_gen.pdbx_host_org_strain               'BL21(DE3)' 
_entity_src_gen.pdbx_host_org_variant              ? 
_entity_src_gen.pdbx_host_org_cell_line            ? 
_entity_src_gen.pdbx_host_org_atcc                 ? 
_entity_src_gen.pdbx_host_org_culture_collection   ? 
_entity_src_gen.pdbx_host_org_cell                 ? 
_entity_src_gen.pdbx_host_org_organelle            ? 
_entity_src_gen.pdbx_host_org_cellular_location    ? 
_entity_src_gen.pdbx_host_org_vector_type          plasmid 
_entity_src_gen.pdbx_host_org_vector               ? 
_entity_src_gen.host_org_details                   ? 
_entity_src_gen.expression_system_id               ? 
_entity_src_gen.plasmid_name                       pGEX6p 
_entity_src_gen.plasmid_details                    ? 
_entity_src_gen.pdbx_description                   ? 
# 
_pdbx_entity_src_syn.entity_id              2 
_pdbx_entity_src_syn.pdbx_src_id            1 
_pdbx_entity_src_syn.pdbx_alt_source_flag   sample 
_pdbx_entity_src_syn.pdbx_beg_seq_num       1 
_pdbx_entity_src_syn.pdbx_end_seq_num       9 
_pdbx_entity_src_syn.organism_scientific    'Arabidopsis thaliana' 
_pdbx_entity_src_syn.organism_common_name   ? 
_pdbx_entity_src_syn.ncbi_taxonomy_id       3702 
_pdbx_entity_src_syn.details                'chemically synthesized H3K4me2 peptide' 
# 
loop_
_struct_ref.id 
_struct_ref.db_name 
_struct_ref.db_code 
_struct_ref.pdbx_db_accession 
_struct_ref.pdbx_db_isoform 
_struct_ref.entity_id 
_struct_ref.pdbx_seq_one_letter_code 
_struct_ref.pdbx_align_begin 
1 UNP ALFL3_ARATH Q9M2B4 ? 1 DHGETLCGACGDSDGADEFWICCDLCEKWFHGKCVKITPARAEHIKQYKCPSCSN 191 
2 PDB 5YC3        5YC3   ? 2 ?                                                       1   
# 
loop_
_struct_ref_seq.align_id 
_struct_ref_seq.ref_id 
_struct_ref_seq.pdbx_PDB_id_code 
_struct_ref_seq.pdbx_strand_id 
_struct_ref_seq.seq_align_beg 
_struct_ref_seq.pdbx_seq_align_beg_ins_code 
_struct_ref_seq.seq_align_end 
_struct_ref_seq.pdbx_seq_align_end_ins_code 
_struct_ref_seq.pdbx_db_accession 
_struct_ref_seq.db_align_beg 
_struct_ref_seq.pdbx_db_align_beg_ins_code 
_struct_ref_seq.db_align_end 
_struct_ref_seq.pdbx_db_align_end_ins_code 
_struct_ref_seq.pdbx_auth_seq_align_beg 
_struct_ref_seq.pdbx_auth_seq_align_end 
1 1 5YC3 A 6 ? 60 ? Q9M2B4 191 ? 245 ? 1 55 
2 2 5YC3 P 1 ? 9  ? 5YC3   1   ? 9   ? 1 9  
# 
loop_
_struct_ref_seq_dif.align_id 
_struct_ref_seq_dif.pdbx_pdb_id_code 
_struct_ref_seq_dif.mon_id 
_struct_ref_seq_dif.pdbx_pdb_strand_id 
_struct_ref_seq_dif.seq_num 
_struct_ref_seq_dif.pdbx_pdb_ins_code 
_struct_ref_seq_dif.pdbx_seq_db_name 
_struct_ref_seq_dif.pdbx_seq_db_accession_code 
_struct_ref_seq_dif.db_mon_id 
_struct_ref_seq_dif.pdbx_seq_db_seq_num 
_struct_ref_seq_dif.details 
_struct_ref_seq_dif.pdbx_auth_seq_num 
_struct_ref_seq_dif.pdbx_ordinal 
1 5YC3 GLY A 1 ? UNP Q9M2B4 ? ? 'expression tag' -4 1 
1 5YC3 PRO A 2 ? UNP Q9M2B4 ? ? 'expression tag' -3 2 
1 5YC3 LEU A 3 ? UNP Q9M2B4 ? ? 'expression tag' -2 3 
1 5YC3 GLY A 4 ? UNP Q9M2B4 ? ? 'expression tag' -1 4 
1 5YC3 SER A 5 ? UNP Q9M2B4 ? ? 'expression tag' 0  5 
# 
loop_
_chem_comp.id 
_chem_comp.type 
_chem_comp.mon_nstd_flag 
_chem_comp.name 
_chem_comp.pdbx_synonyms 
_chem_comp.formula 
_chem_comp.formula_weight 
ALA 'L-peptide linking' y ALANINE           ? 'C3 H7 N O2'     89.093  
ARG 'L-peptide linking' y ARGININE          ? 'C6 H15 N4 O2 1' 175.209 
ASN 'L-peptide linking' y ASPARAGINE        ? 'C4 H8 N2 O3'    132.118 
ASP 'L-peptide linking' y 'ASPARTIC ACID'   ? 'C4 H7 N O4'     133.103 
CYS 'L-peptide linking' y CYSTEINE          ? 'C3 H7 N O2 S'   121.158 
GLN 'L-peptide linking' y GLUTAMINE         ? 'C5 H10 N2 O3'   146.144 
GLU 'L-peptide linking' y 'GLUTAMIC ACID'   ? 'C5 H9 N O4'     147.129 
GLY 'peptide linking'   y GLYCINE           ? 'C2 H5 N O2'     75.067  
HIS 'L-peptide linking' y HISTIDINE         ? 'C6 H10 N3 O2 1' 156.162 
HOH non-polymer         . WATER             ? 'H2 O'           18.015  
ILE 'L-peptide linking' y ISOLEUCINE        ? 'C6 H13 N O2'    131.173 
LEU 'L-peptide linking' y LEUCINE           ? 'C6 H13 N O2'    131.173 
LYS 'L-peptide linking' y LYSINE            ? 'C6 H15 N2 O2 1' 147.195 
MLY 'L-peptide linking' n N-DIMETHYL-LYSINE ? 'C8 H18 N2 O2'   174.241 
PHE 'L-peptide linking' y PHENYLALANINE     ? 'C9 H11 N O2'    165.189 
PRO 'L-peptide linking' y PROLINE           ? 'C5 H9 N O2'     115.130 
SER 'L-peptide linking' y SERINE            ? 'C3 H7 N O3'     105.093 
THR 'L-peptide linking' y THREONINE         ? 'C4 H9 N O3'     119.119 
TRP 'L-peptide linking' y TRYPTOPHAN        ? 'C11 H12 N2 O2'  204.225 
TYR 'L-peptide linking' y TYROSINE          ? 'C9 H11 N O3'    181.189 
VAL 'L-peptide linking' y VALINE            ? 'C5 H11 N O2'    117.146 
ZN  non-polymer         . 'ZINC ION'        ? 'Zn 2'           65.409  
# 
_exptl.absorpt_coefficient_mu     ? 
_exptl.absorpt_correction_T_max   ? 
_exptl.absorpt_correction_T_min   ? 
_exptl.absorpt_correction_type    ? 
_exptl.absorpt_process_details    ? 
_exptl.entry_id                   5YC3 
_exptl.crystals_number            1 
_exptl.details                    ? 
_exptl.method                     'X-RAY DIFFRACTION' 
_exptl.method_details             ? 
# 
_exptl_crystal.colour                      ? 
_exptl_crystal.density_diffrn              ? 
_exptl_crystal.density_Matthews            2.46 
_exptl_crystal.density_method              ? 
_exptl_crystal.density_percent_sol         50.07 
_exptl_crystal.description                 ? 
_exptl_crystal.F_000                       ? 
_exptl_crystal.id                          1 
_exptl_crystal.preparation                 ? 
_exptl_crystal.size_max                    ? 
_exptl_crystal.size_mid                    ? 
_exptl_crystal.size_min                    ? 
_exptl_crystal.size_rad                    ? 
_exptl_crystal.colour_lustre               ? 
_exptl_crystal.colour_modifier             ? 
_exptl_crystal.colour_primary              ? 
_exptl_crystal.density_meas                ? 
_exptl_crystal.density_meas_esd            ? 
_exptl_crystal.density_meas_gt             ? 
_exptl_crystal.density_meas_lt             ? 
_exptl_crystal.density_meas_temp           ? 
_exptl_crystal.density_meas_temp_esd       ? 
_exptl_crystal.density_meas_temp_gt        ? 
_exptl_crystal.density_meas_temp_lt        ? 
_exptl_crystal.pdbx_crystal_image_url      ? 
_exptl_crystal.pdbx_crystal_image_format   ? 
_exptl_crystal.pdbx_mosaicity              ? 
_exptl_crystal.pdbx_mosaicity_esd          ? 
# 
_exptl_crystal_grow.apparatus       ? 
_exptl_crystal_grow.atmosphere      ? 
_exptl_crystal_grow.crystal_id      1 
_exptl_crystal_grow.details         ? 
_exptl_crystal_grow.method          'VAPOR DIFFUSION, SITTING DROP' 
_exptl_crystal_grow.method_ref      ? 
_exptl_crystal_grow.pH              7.0 
_exptl_crystal_grow.pressure        ? 
_exptl_crystal_grow.pressure_esd    ? 
_exptl_crystal_grow.seeding         ? 
_exptl_crystal_grow.seeding_ref     ? 
_exptl_crystal_grow.temp            289 
_exptl_crystal_grow.temp_details    ? 
_exptl_crystal_grow.temp_esd        ? 
_exptl_crystal_grow.time            ? 
_exptl_crystal_grow.pdbx_details    '1.8 M Ammonium citrate tribasic, pH 7.0.' 
_exptl_crystal_grow.pdbx_pH_range   ? 
# 
_diffrn.ambient_environment    ? 
_diffrn.ambient_temp           100 
_diffrn.ambient_temp_details   ? 
_diffrn.ambient_temp_esd       ? 
_diffrn.crystal_id             1 
_diffrn.crystal_support        ? 
_diffrn.crystal_treatment      ? 
_diffrn.details                ? 
_diffrn.id                     1 
_diffrn.ambient_pressure       ? 
_diffrn.ambient_pressure_esd   ? 
_diffrn.ambient_pressure_gt    ? 
_diffrn.ambient_pressure_lt    ? 
_diffrn.ambient_temp_gt        ? 
_diffrn.ambient_temp_lt        ? 
# 
_diffrn_detector.details                      mirrors 
_diffrn_detector.detector                     CCD 
_diffrn_detector.diffrn_id                    1 
_diffrn_detector.type                         'ADSC QUANTUM 315r' 
_diffrn_detector.area_resol_mean              ? 
_diffrn_detector.dtime                        ? 
_diffrn_detector.pdbx_frames_total            ? 
_diffrn_detector.pdbx_collection_time_total   ? 
_diffrn_detector.pdbx_collection_date         2016-03-18 
# 
_diffrn_radiation.collimation                      ? 
_diffrn_radiation.diffrn_id                        1 
_diffrn_radiation.filter_edge                      ? 
_diffrn_radiation.inhomogeneity                    ? 
_diffrn_radiation.monochromator                    'double crystal, Si(111)' 
_diffrn_radiation.polarisn_norm                    ? 
_diffrn_radiation.polarisn_ratio                   ? 
_diffrn_radiation.probe                            ? 
_diffrn_radiation.type                             ? 
_diffrn_radiation.xray_symbol                      ? 
_diffrn_radiation.wavelength_id                    1 
_diffrn_radiation.pdbx_monochromatic_or_laue_m_l   M 
_diffrn_radiation.pdbx_wavelength_list             ? 
_diffrn_radiation.pdbx_wavelength                  ? 
_diffrn_radiation.pdbx_diffrn_protocol             'SINGLE WAVELENGTH' 
_diffrn_radiation.pdbx_analyzer                    ? 
_diffrn_radiation.pdbx_scattering_type             x-ray 
# 
_diffrn_radiation_wavelength.id           1 
_diffrn_radiation_wavelength.wavelength   0.9792 
_diffrn_radiation_wavelength.wt           1.0 
# 
_diffrn_source.current                     ? 
_diffrn_source.details                     ? 
_diffrn_source.diffrn_id                   1 
_diffrn_source.power                       ? 
_diffrn_source.size                        ? 
_diffrn_source.source                      SYNCHROTRON 
_diffrn_source.target                      ? 
_diffrn_source.type                        'SSRF BEAMLINE BL17U1' 
_diffrn_source.voltage                     ? 
_diffrn_source.take-off_angle              ? 
_diffrn_source.pdbx_wavelength_list        0.9792 
_diffrn_source.pdbx_wavelength             ? 
_diffrn_source.pdbx_synchrotron_beamline   BL17U1 
_diffrn_source.pdbx_synchrotron_site       SSRF 
# 
_reflns.B_iso_Wilson_estimate            34.310 
_reflns.entry_id                         5YC3 
_reflns.data_reduction_details           ? 
_reflns.data_reduction_method            ? 
_reflns.d_resolution_high                2.600 
_reflns.d_resolution_low                 50.000 
_reflns.details                          ? 
_reflns.limit_h_max                      ? 
_reflns.limit_h_min                      ? 
_reflns.limit_k_max                      ? 
_reflns.limit_k_min                      ? 
_reflns.limit_l_max                      ? 
_reflns.limit_l_min                      ? 
_reflns.number_all                       ? 
_reflns.number_obs                       2763 
_reflns.observed_criterion               ? 
_reflns.observed_criterion_F_max         ? 
_reflns.observed_criterion_F_min         ? 
_reflns.observed_criterion_I_max         ? 
_reflns.observed_criterion_I_min         ? 
_reflns.observed_criterion_sigma_F       ? 
_reflns.observed_criterion_sigma_I       ? 
_reflns.percent_possible_obs             100.000 
_reflns.R_free_details                   ? 
_reflns.Rmerge_F_all                     ? 
_reflns.Rmerge_F_obs                     ? 
_reflns.Friedel_coverage                 ? 
_reflns.number_gt                        ? 
_reflns.threshold_expression             ? 
_reflns.pdbx_redundancy                  13.400 
_reflns.pdbx_Rmerge_I_obs                0.189 
_reflns.pdbx_Rmerge_I_all                ? 
_reflns.pdbx_Rsym_value                  ? 
_reflns.pdbx_netI_over_av_sigmaI         ? 
_reflns.pdbx_netI_over_sigmaI            4.800 
_reflns.pdbx_res_netI_over_av_sigmaI_2   ? 
_reflns.pdbx_res_netI_over_sigmaI_2      ? 
_reflns.pdbx_chi_squared                 1.195 
_reflns.pdbx_scaling_rejects             ? 
_reflns.pdbx_d_res_high_opt              ? 
_reflns.pdbx_d_res_low_opt               ? 
_reflns.pdbx_d_res_opt_method            ? 
_reflns.phase_calculation_details        ? 
_reflns.pdbx_Rrim_I_all                  0.197 
_reflns.pdbx_Rpim_I_all                  0.053 
_reflns.pdbx_d_opt                       ? 
_reflns.pdbx_number_measured_all         ? 
_reflns.pdbx_diffrn_id                   1 
_reflns.pdbx_ordinal                     1 
_reflns.pdbx_CC_half                     ? 
_reflns.pdbx_R_split                     ? 
# 
loop_
_reflns_shell.d_res_high 
_reflns_shell.d_res_low 
_reflns_shell.meanI_over_sigI_all 
_reflns_shell.meanI_over_sigI_obs 
_reflns_shell.number_measured_all 
_reflns_shell.number_measured_obs 
_reflns_shell.number_possible 
_reflns_shell.number_unique_all 
_reflns_shell.number_unique_obs 
_reflns_shell.percent_possible_all 
_reflns_shell.percent_possible_obs 
_reflns_shell.Rmerge_F_all 
_reflns_shell.Rmerge_F_obs 
_reflns_shell.Rmerge_I_all 
_reflns_shell.Rmerge_I_obs 
_reflns_shell.meanI_over_sigI_gt 
_reflns_shell.meanI_over_uI_all 
_reflns_shell.meanI_over_uI_gt 
_reflns_shell.number_measured_gt 
_reflns_shell.number_unique_gt 
_reflns_shell.percent_possible_gt 
_reflns_shell.Rmerge_F_gt 
_reflns_shell.Rmerge_I_gt 
_reflns_shell.pdbx_redundancy 
_reflns_shell.pdbx_Rsym_value 
_reflns_shell.pdbx_chi_squared 
_reflns_shell.pdbx_netI_over_sigmaI_all 
_reflns_shell.pdbx_netI_over_sigmaI_obs 
_reflns_shell.pdbx_Rrim_I_all 
_reflns_shell.pdbx_Rpim_I_all 
_reflns_shell.pdbx_rejects 
_reflns_shell.pdbx_ordinal 
_reflns_shell.pdbx_diffrn_id 
_reflns_shell.pdbx_CC_half 
_reflns_shell.pdbx_R_split 
2.600 2.640  ? ? ? ? ? ? 122 100.000 ? ? ? ? 0.902 ? ? ? ? ? ? ? ? 14.400 ? 0.838 ? ? 0.935 0.244 ? 1  1 0.884 ? 
2.640 2.690  ? ? ? ? ? ? 125 100.000 ? ? ? ? 0.964 ? ? ? ? ? ? ? ? 14.400 ? 0.880 ? ? 1.000 0.260 ? 2  1 0.850 ? 
2.690 2.740  ? ? ? ? ? ? 138 100.000 ? ? ? ? 0.679 ? ? ? ? ? ? ? ? 14.100 ? 0.849 ? ? 0.705 0.187 ? 3  1 0.963 ? 
2.740 2.800  ? ? ? ? ? ? 137 100.000 ? ? ? ? 0.657 ? ? ? ? ? ? ? ? 14.400 ? 0.959 ? ? 0.681 0.177 ? 4  1 0.967 ? 
2.800 2.860  ? ? ? ? ? ? 133 100.000 ? ? ? ? 0.583 ? ? ? ? ? ? ? ? 13.900 ? 0.947 ? ? 0.606 0.160 ? 5  1 0.997 ? 
2.860 2.930  ? ? ? ? ? ? 114 99.100  ? ? ? ? 0.483 ? ? ? ? ? ? ? ? 14.600 ? 0.886 ? ? 0.500 0.130 ? 6  1 0.951 ? 
2.930 3.000  ? ? ? ? ? ? 130 100.000 ? ? ? ? 0.451 ? ? ? ? ? ? ? ? 14.400 ? 0.940 ? ? 0.467 0.122 ? 7  1 0.981 ? 
3.000 3.080  ? ? ? ? ? ? 143 100.000 ? ? ? ? 0.329 ? ? ? ? ? ? ? ? 14.200 ? 1.042 ? ? 0.341 0.090 ? 8  1 0.981 ? 
3.080 3.170  ? ? ? ? ? ? 132 100.000 ? ? ? ? 0.327 ? ? ? ? ? ? ? ? 13.600 ? 0.976 ? ? 0.340 0.091 ? 9  1 0.976 ? 
3.170 3.280  ? ? ? ? ? ? 131 100.000 ? ? ? ? 0.236 ? ? ? ? ? ? ? ? 14.300 ? 1.099 ? ? 0.245 0.064 ? 10 1 0.991 ? 
3.280 3.390  ? ? ? ? ? ? 137 100.000 ? ? ? ? 0.197 ? ? ? ? ? ? ? ? 14.000 ? 1.059 ? ? 0.204 0.054 ? 11 1 0.993 ? 
3.390 3.530  ? ? ? ? ? ? 127 100.000 ? ? ? ? 0.163 ? ? ? ? ? ? ? ? 13.600 ? 1.219 ? ? 0.170 0.045 ? 12 1 0.995 ? 
3.530 3.690  ? ? ? ? ? ? 143 100.000 ? ? ? ? 0.151 ? ? ? ? ? ? ? ? 13.600 ? 1.432 ? ? 0.157 0.042 ? 13 1 0.997 ? 
3.690 3.880  ? ? ? ? ? ? 142 100.000 ? ? ? ? 0.139 ? ? ? ? ? ? ? ? 13.500 ? 1.568 ? ? 0.145 0.039 ? 14 1 0.995 ? 
3.880 4.130  ? ? ? ? ? ? 129 100.000 ? ? ? ? 0.133 ? ? ? ? ? ? ? ? 13.600 ? 1.703 ? ? 0.139 0.037 ? 15 1 0.991 ? 
4.130 4.450  ? ? ? ? ? ? 154 100.000 ? ? ? ? 0.115 ? ? ? ? ? ? ? ? 12.600 ? 1.890 ? ? 0.120 0.034 ? 16 1 0.995 ? 
4.450 4.890  ? ? ? ? ? ? 137 100.000 ? ? ? ? 0.111 ? ? ? ? ? ? ? ? 13.300 ? 1.719 ? ? 0.116 0.031 ? 17 1 0.997 ? 
4.890 5.600  ? ? ? ? ? ? 145 100.000 ? ? ? ? 0.097 ? ? ? ? ? ? ? ? 12.100 ? 1.298 ? ? 0.101 0.028 ? 18 1 0.997 ? 
5.600 7.050  ? ? ? ? ? ? 153 100.000 ? ? ? ? 0.089 ? ? ? ? ? ? ? ? 12.300 ? 1.291 ? ? 0.093 0.026 ? 19 1 0.997 ? 
7.050 50.000 ? ? ? ? ? ? 191 100.000 ? ? ? ? 0.055 ? ? ? ? ? ? ? ? 10.100 ? 1.291 ? ? 0.058 0.017 ? 20 1 0.999 ? 
# 
_refine.aniso_B[1][1]                            ? 
_refine.aniso_B[1][2]                            ? 
_refine.aniso_B[1][3]                            ? 
_refine.aniso_B[2][2]                            ? 
_refine.aniso_B[2][3]                            ? 
_refine.aniso_B[3][3]                            ? 
_refine.B_iso_max                                66.270 
_refine.B_iso_mean                               34.2109 
_refine.B_iso_min                                20.290 
_refine.correlation_coeff_Fo_to_Fc               ? 
_refine.correlation_coeff_Fo_to_Fc_free          ? 
_refine.details                                  ? 
_refine.diff_density_max                         ? 
_refine.diff_density_max_esd                     ? 
_refine.diff_density_min                         ? 
_refine.diff_density_min_esd                     ? 
_refine.diff_density_rms                         ? 
_refine.diff_density_rms_esd                     ? 
_refine.entry_id                                 5YC3 
_refine.pdbx_refine_id                           'X-RAY DIFFRACTION' 
_refine.ls_abs_structure_details                 ? 
_refine.ls_abs_structure_Flack                   ? 
_refine.ls_abs_structure_Flack_esd               ? 
_refine.ls_abs_structure_Rogers                  ? 
_refine.ls_abs_structure_Rogers_esd              ? 
_refine.ls_d_res_high                            2.6010 
_refine.ls_d_res_low                             39.2570 
_refine.ls_extinction_coef                       ? 
_refine.ls_extinction_coef_esd                   ? 
_refine.ls_extinction_expression                 ? 
_refine.ls_extinction_method                     ? 
_refine.ls_goodness_of_fit_all                   ? 
_refine.ls_goodness_of_fit_all_esd               ? 
_refine.ls_goodness_of_fit_obs                   ? 
_refine.ls_goodness_of_fit_obs_esd               ? 
_refine.ls_hydrogen_treatment                    ? 
_refine.ls_matrix_type                           ? 
_refine.ls_number_constraints                    ? 
_refine.ls_number_parameters                     ? 
_refine.ls_number_reflns_all                     ? 
_refine.ls_number_reflns_obs                     2720 
_refine.ls_number_reflns_R_free                  396 
_refine.ls_number_reflns_R_work                  ? 
_refine.ls_number_restraints                     ? 
_refine.ls_percent_reflns_obs                    99.9300 
_refine.ls_percent_reflns_R_free                 14.5600 
_refine.ls_R_factor_all                          ? 
_refine.ls_R_factor_obs                          0.1983 
_refine.ls_R_factor_R_free                       0.2405 
_refine.ls_R_factor_R_free_error                 ? 
_refine.ls_R_factor_R_free_error_details         ? 
_refine.ls_R_factor_R_work                       0.1910 
_refine.ls_R_Fsqd_factor_obs                     ? 
_refine.ls_R_I_factor_obs                        ? 
_refine.ls_redundancy_reflns_all                 ? 
_refine.ls_redundancy_reflns_obs                 ? 
_refine.ls_restrained_S_all                      ? 
_refine.ls_restrained_S_obs                      ? 
_refine.ls_shift_over_esd_max                    ? 
_refine.ls_shift_over_esd_mean                   ? 
_refine.ls_structure_factor_coef                 ? 
_refine.ls_weighting_details                     ? 
_refine.ls_weighting_scheme                      ? 
_refine.ls_wR_factor_all                         ? 
_refine.ls_wR_factor_obs                         ? 
_refine.ls_wR_factor_R_free                      ? 
_refine.ls_wR_factor_R_work                      ? 
_refine.occupancy_max                            ? 
_refine.occupancy_min                            ? 
_refine.solvent_model_details                    ? 
_refine.solvent_model_param_bsol                 ? 
_refine.solvent_model_param_ksol                 ? 
_refine.ls_R_factor_gt                           ? 
_refine.ls_goodness_of_fit_gt                    ? 
_refine.ls_goodness_of_fit_ref                   ? 
_refine.ls_shift_over_su_max                     ? 
_refine.ls_shift_over_su_max_lt                  ? 
_refine.ls_shift_over_su_mean                    ? 
_refine.ls_shift_over_su_mean_lt                 ? 
_refine.pdbx_ls_sigma_I                          ? 
_refine.pdbx_ls_sigma_F                          1.370 
_refine.pdbx_ls_sigma_Fsqd                       ? 
_refine.pdbx_data_cutoff_high_absF               ? 
_refine.pdbx_data_cutoff_high_rms_absF           ? 
_refine.pdbx_data_cutoff_low_absF                ? 
_refine.pdbx_isotropic_thermal_model             ? 
_refine.pdbx_ls_cross_valid_method               'FREE R-VALUE' 
_refine.pdbx_method_to_determine_struct          'MOLECULAR REPLACEMENT' 
_refine.pdbx_starting_model                      2FSA 
_refine.pdbx_stereochemistry_target_values       ? 
_refine.pdbx_R_Free_selection_details            'Random selection' 
_refine.pdbx_stereochem_target_val_spec_case     ? 
_refine.pdbx_overall_ESU_R                       ? 
_refine.pdbx_overall_ESU_R_Free                  ? 
_refine.pdbx_solvent_vdw_probe_radii             1.1100 
_refine.pdbx_solvent_ion_probe_radii             ? 
_refine.pdbx_solvent_shrinkage_radii             0.9000 
_refine.pdbx_real_space_R                        ? 
_refine.pdbx_density_correlation                 ? 
_refine.pdbx_pd_number_of_powder_patterns        ? 
_refine.pdbx_pd_number_of_points                 ? 
_refine.pdbx_pd_meas_number_of_points            ? 
_refine.pdbx_pd_proc_ls_prof_R_factor            ? 
_refine.pdbx_pd_proc_ls_prof_wR_factor           ? 
_refine.pdbx_pd_Marquardt_correlation_coeff      ? 
_refine.pdbx_pd_Fsqrd_R_factor                   ? 
_refine.pdbx_pd_ls_matrix_band_width             ? 
_refine.pdbx_overall_phase_error                 21.7300 
_refine.pdbx_overall_SU_R_free_Cruickshank_DPI   ? 
_refine.pdbx_overall_SU_R_free_Blow_DPI          ? 
_refine.pdbx_overall_SU_R_Blow_DPI               ? 
_refine.pdbx_TLS_residual_ADP_flag               ? 
_refine.pdbx_diffrn_id                           1 
_refine.overall_SU_B                             ? 
_refine.overall_SU_ML                            0.2300 
_refine.overall_SU_R_Cruickshank_DPI             ? 
_refine.overall_SU_R_free                        ? 
_refine.overall_FOM_free_R_set                   ? 
_refine.overall_FOM_work_R_set                   ? 
_refine.pdbx_average_fsc_overall                 ? 
_refine.pdbx_average_fsc_work                    ? 
_refine.pdbx_average_fsc_free                    ? 
# 
_refine_hist.cycle_id                         final 
_refine_hist.pdbx_refine_id                   'X-RAY DIFFRACTION' 
_refine_hist.d_res_high                       2.6010 
_refine_hist.d_res_low                        39.2570 
_refine_hist.pdbx_number_atoms_ligand         2 
_refine_hist.number_atoms_solvent             32 
_refine_hist.number_atoms_total               560 
_refine_hist.pdbx_number_residues_total       69 
_refine_hist.pdbx_B_iso_mean_ligand           31.51 
_refine_hist.pdbx_B_iso_mean_solvent          35.03 
_refine_hist.pdbx_number_atoms_protein        526 
_refine_hist.pdbx_number_atoms_nucleic_acid   0 
# 
loop_
_refine_ls_restr.pdbx_refine_id 
_refine_ls_restr.criterion 
_refine_ls_restr.dev_ideal 
_refine_ls_restr.dev_ideal_target 
_refine_ls_restr.number 
_refine_ls_restr.rejects 
_refine_ls_restr.type 
_refine_ls_restr.weight 
_refine_ls_restr.pdbx_restraint_function 
'X-RAY DIFFRACTION' ? 0.003  ? 537 ? f_bond_d           ? ? 
'X-RAY DIFFRACTION' ? 0.670  ? 720 ? f_angle_d          ? ? 
'X-RAY DIFFRACTION' ? 0.031  ? 73  ? f_chiral_restr     ? ? 
'X-RAY DIFFRACTION' ? 0.003  ? 93  ? f_plane_restr      ? ? 
'X-RAY DIFFRACTION' ? 11.928 ? 196 ? f_dihedral_angle_d ? ? 
# 
loop_
_refine_ls_shell.pdbx_refine_id 
_refine_ls_shell.d_res_high 
_refine_ls_shell.d_res_low 
_refine_ls_shell.number_reflns_all 
_refine_ls_shell.number_reflns_obs 
_refine_ls_shell.number_reflns_R_free 
_refine_ls_shell.number_reflns_R_work 
_refine_ls_shell.percent_reflns_obs 
_refine_ls_shell.percent_reflns_R_free 
_refine_ls_shell.R_factor_all 
_refine_ls_shell.R_factor_obs 
_refine_ls_shell.R_factor_R_free 
_refine_ls_shell.R_factor_R_free_error 
_refine_ls_shell.R_factor_R_work 
_refine_ls_shell.redundancy_reflns_all 
_refine_ls_shell.redundancy_reflns_obs 
_refine_ls_shell.wR_factor_all 
_refine_ls_shell.wR_factor_obs 
_refine_ls_shell.wR_factor_R_free 
_refine_ls_shell.wR_factor_R_work 
_refine_ls_shell.pdbx_total_number_of_bins_used 
_refine_ls_shell.pdbx_phase_error 
_refine_ls_shell.pdbx_fsc_work 
_refine_ls_shell.pdbx_fsc_free 
'X-RAY DIFFRACTION' 2.6009 2.9772  853 . 105 748 100.0000 . . . 0.2938 0.0000 0.2192 . . . . . . 3 . . . 
'X-RAY DIFFRACTION' 2.9772 3.7504  890 . 142 748 100.0000 . . . 0.2721 0.0000 0.1890 . . . . . . 3 . . . 
'X-RAY DIFFRACTION' 3.7504 39.2617 977 . 149 828 100.0000 . . . 0.2099 0.0000 0.1818 . . . . . . 3 . . . 
# 
_struct.entry_id                     5YC3 
_struct.title                        'Crystal structure of AL3 PHD finger bound to H3K4me2' 
_struct.pdbx_model_details           ? 
_struct.pdbx_formula_weight          ? 
_struct.pdbx_formula_weight_method   ? 
_struct.pdbx_model_type_details      ? 
_struct.pdbx_CASP_flag               N 
# 
_struct_keywords.entry_id        5YC3 
_struct_keywords.text            'PHD finger, TRANSCRIPTION' 
_struct_keywords.pdbx_keywords   TRANSCRIPTION 
# 
loop_
_struct_asym.id 
_struct_asym.pdbx_blank_PDB_chainid_flag 
_struct_asym.pdbx_modified 
_struct_asym.entity_id 
_struct_asym.details 
A N N 1 ? 
B N N 2 ? 
C N N 3 ? 
D N N 3 ? 
E N N 4 ? 
F N N 4 ? 
# 
_struct_conf.conf_type_id            HELX_P 
_struct_conf.id                      HELX_P1 
_struct_conf.pdbx_PDB_helix_id       AA1 
_struct_conf.beg_label_comp_id       THR 
_struct_conf.beg_label_asym_id       A 
_struct_conf.beg_label_seq_id        43 
_struct_conf.pdbx_beg_PDB_ins_code   ? 
_struct_conf.end_label_comp_id       GLU 
_struct_conf.end_label_asym_id       A 
_struct_conf.end_label_seq_id        48 
_struct_conf.pdbx_end_PDB_ins_code   ? 
_struct_conf.beg_auth_comp_id        THR 
_struct_conf.beg_auth_asym_id        A 
_struct_conf.beg_auth_seq_id         38 
_struct_conf.end_auth_comp_id        GLU 
_struct_conf.end_auth_asym_id        A 
_struct_conf.end_auth_seq_id         43 
_struct_conf.pdbx_PDB_helix_class    1 
_struct_conf.details                 ? 
_struct_conf.pdbx_PDB_helix_length   6 
# 
_struct_conf_type.id          HELX_P 
_struct_conf_type.criteria    ? 
_struct_conf_type.reference   ? 
# 
loop_
_struct_conn.id 
_struct_conn.conn_type_id 
_struct_conn.pdbx_leaving_atom_flag 
_struct_conn.pdbx_PDB_id 
_struct_conn.ptnr1_label_asym_id 
_struct_conn.ptnr1_label_comp_id 
_struct_conn.ptnr1_label_seq_id 
_struct_conn.ptnr1_label_atom_id 
_struct_conn.pdbx_ptnr1_label_alt_id 
_struct_conn.pdbx_ptnr1_PDB_ins_code 
_struct_conn.pdbx_ptnr1_standard_comp_id 
_struct_conn.ptnr1_symmetry 
_struct_conn.ptnr2_label_asym_id 
_struct_conn.ptnr2_label_comp_id 
_struct_conn.ptnr2_label_seq_id 
_struct_conn.ptnr2_label_atom_id 
_struct_conn.pdbx_ptnr2_label_alt_id 
_struct_conn.pdbx_ptnr2_PDB_ins_code 
_struct_conn.ptnr1_auth_asym_id 
_struct_conn.ptnr1_auth_comp_id 
_struct_conn.ptnr1_auth_seq_id 
_struct_conn.ptnr2_auth_asym_id 
_struct_conn.ptnr2_auth_comp_id 
_struct_conn.ptnr2_auth_seq_id 
_struct_conn.ptnr2_symmetry 
_struct_conn.pdbx_ptnr3_label_atom_id 
_struct_conn.pdbx_ptnr3_label_seq_id 
_struct_conn.pdbx_ptnr3_label_comp_id 
_struct_conn.pdbx_ptnr3_label_asym_id 
_struct_conn.pdbx_ptnr3_label_alt_id 
_struct_conn.pdbx_ptnr3_PDB_ins_code 
_struct_conn.details 
_struct_conn.pdbx_dist_value 
_struct_conn.pdbx_value_order 
_struct_conn.pdbx_role 
covale1 covale both ? B THR 3  C   ? ? ? 1_555 B MLY 4 N  ? ? P THR 3  P MLY 4   1_555 ? ? ? ? ? ? ? 1.328 ? ? 
covale2 covale both ? B MLY 4  C   ? ? ? 1_555 B GLN 5 N  ? ? P MLY 4  P GLN 5   1_555 ? ? ? ? ? ? ? 1.326 ? ? 
metalc1 metalc ?    ? A CYS 12 SG  ? ? ? 1_555 C ZN  . ZN ? ? A CYS 7  A ZN  101 1_555 ? ? ? ? ? ? ? 2.348 ? ? 
metalc2 metalc ?    ? A CYS 15 SG  ? ? ? 1_555 C ZN  . ZN ? ? A CYS 10 A ZN  101 1_555 ? ? ? ? ? ? ? 2.362 ? ? 
metalc3 metalc ?    ? A CYS 28 SG  ? ? ? 1_555 D ZN  . ZN ? ? A CYS 23 A ZN  102 1_555 ? ? ? ? ? ? ? 2.404 ? ? 
metalc4 metalc ?    ? A CYS 31 SG  ? ? ? 1_555 D ZN  . ZN ? ? A CYS 26 A ZN  102 1_555 ? ? ? ? ? ? ? 2.384 ? ? 
metalc5 metalc ?    ? A HIS 36 ND1 ? ? ? 1_555 C ZN  . ZN ? ? A HIS 31 A ZN  101 1_555 ? ? ? ? ? ? ? 2.095 ? ? 
metalc6 metalc ?    ? A CYS 39 SG  ? ? ? 1_555 C ZN  . ZN ? ? A CYS 34 A ZN  101 1_555 ? ? ? ? ? ? ? 2.350 ? ? 
metalc7 metalc ?    ? A CYS 55 SG  ? ? ? 1_555 D ZN  . ZN ? ? A CYS 50 A ZN  102 1_555 ? ? ? ? ? ? ? 2.263 ? ? 
metalc8 metalc ?    ? A CYS 58 SG  ? ? ? 1_555 D ZN  . ZN ? ? A CYS 53 A ZN  102 1_555 ? ? ? ? ? ? ? 2.358 ? ? 
# 
loop_
_struct_conn_type.id 
_struct_conn_type.criteria 
_struct_conn_type.reference 
covale ? ? 
metalc ? ? 
# 
_struct_sheet.id               AA1 
_struct_sheet.type             ? 
_struct_sheet.number_strands   3 
_struct_sheet.details          ? 
# 
loop_
_struct_sheet_order.sheet_id 
_struct_sheet_order.range_id_1 
_struct_sheet_order.range_id_2 
_struct_sheet_order.offset 
_struct_sheet_order.sense 
AA1 1 2 ? anti-parallel 
AA1 2 3 ? anti-parallel 
# 
loop_
_struct_sheet_range.sheet_id 
_struct_sheet_range.id 
_struct_sheet_range.beg_label_comp_id 
_struct_sheet_range.beg_label_asym_id 
_struct_sheet_range.beg_label_seq_id 
_struct_sheet_range.pdbx_beg_PDB_ins_code 
_struct_sheet_range.end_label_comp_id 
_struct_sheet_range.end_label_asym_id 
_struct_sheet_range.end_label_seq_id 
_struct_sheet_range.pdbx_end_PDB_ins_code 
_struct_sheet_range.beg_auth_comp_id 
_struct_sheet_range.beg_auth_asym_id 
_struct_sheet_range.beg_auth_seq_id 
_struct_sheet_range.end_auth_comp_id 
_struct_sheet_range.end_auth_asym_id 
_struct_sheet_range.end_auth_seq_id 
AA1 1 TRP A 34 ? HIS A 36 ? TRP A 29 HIS A 31 
AA1 2 PHE A 24 ? CYS A 27 ? PHE A 19 CYS A 22 
AA1 3 ARG B 2  ? GLN B 5  ? ARG P 2  GLN P 5  
# 
loop_
_pdbx_struct_sheet_hbond.sheet_id 
_pdbx_struct_sheet_hbond.range_id_1 
_pdbx_struct_sheet_hbond.range_id_2 
_pdbx_struct_sheet_hbond.range_1_label_atom_id 
_pdbx_struct_sheet_hbond.range_1_label_comp_id 
_pdbx_struct_sheet_hbond.range_1_label_asym_id 
_pdbx_struct_sheet_hbond.range_1_label_seq_id 
_pdbx_struct_sheet_hbond.range_1_PDB_ins_code 
_pdbx_struct_sheet_hbond.range_1_auth_atom_id 
_pdbx_struct_sheet_hbond.range_1_auth_comp_id 
_pdbx_struct_sheet_hbond.range_1_auth_asym_id 
_pdbx_struct_sheet_hbond.range_1_auth_seq_id 
_pdbx_struct_sheet_hbond.range_2_label_atom_id 
_pdbx_struct_sheet_hbond.range_2_label_comp_id 
_pdbx_struct_sheet_hbond.range_2_label_asym_id 
_pdbx_struct_sheet_hbond.range_2_label_seq_id 
_pdbx_struct_sheet_hbond.range_2_PDB_ins_code 
_pdbx_struct_sheet_hbond.range_2_auth_atom_id 
_pdbx_struct_sheet_hbond.range_2_auth_comp_id 
_pdbx_struct_sheet_hbond.range_2_auth_asym_id 
_pdbx_struct_sheet_hbond.range_2_auth_seq_id 
AA1 1 2 O PHE A 35 ? O PHE A 30 N ILE A 26 ? N ILE A 21 
AA1 2 3 N TRP A 25 ? N TRP A 20 O MLY B 4  ? O MLY P 4  
# 
loop_
_struct_site.id 
_struct_site.pdbx_evidence_code 
_struct_site.pdbx_auth_asym_id 
_struct_site.pdbx_auth_comp_id 
_struct_site.pdbx_auth_seq_id 
_struct_site.pdbx_auth_ins_code 
_struct_site.pdbx_num_residues 
_struct_site.details 
AC1 Software A ZN  101 ? 4  'binding site for residue ZN A 101'                                         
AC2 Software A ZN  102 ? 4  'binding site for residue ZN A 102'                                         
AC3 Software P MLY 4   ? 12 'binding site for Ligand residues MLY P 4 through GLN P 5 bound to THR P 3' 
# 
loop_
_struct_site_gen.id 
_struct_site_gen.site_id 
_struct_site_gen.pdbx_num_res 
_struct_site_gen.label_comp_id 
_struct_site_gen.label_asym_id 
_struct_site_gen.label_seq_id 
_struct_site_gen.pdbx_auth_ins_code 
_struct_site_gen.auth_comp_id 
_struct_site_gen.auth_asym_id 
_struct_site_gen.auth_seq_id 
_struct_site_gen.label_atom_id 
_struct_site_gen.label_alt_id 
_struct_site_gen.symmetry 
_struct_site_gen.details 
1  AC1 4  CYS A 12 ? CYS A 7   . ? 1_555 ? 
2  AC1 4  CYS A 15 ? CYS A 10  . ? 1_555 ? 
3  AC1 4  HIS A 36 ? HIS A 31  . ? 1_555 ? 
4  AC1 4  CYS A 39 ? CYS A 34  . ? 1_555 ? 
5  AC2 4  CYS A 28 ? CYS A 23  . ? 1_555 ? 
6  AC2 4  CYS A 31 ? CYS A 26  . ? 1_555 ? 
7  AC2 4  CYS A 55 ? CYS A 50  . ? 1_555 ? 
8  AC2 4  CYS A 58 ? CYS A 53  . ? 1_555 ? 
9  AC3 12 ASP A 19 ? ASP A 14  . ? 1_555 ? 
10 AC3 12 ASP A 22 ? ASP A 17  . ? 1_555 ? 
11 AC3 12 GLU A 23 ? GLU A 18  . ? 1_555 ? 
12 AC3 12 PHE A 24 ? PHE A 19  . ? 1_555 ? 
13 AC3 12 TRP A 25 ? TRP A 20  . ? 1_555 ? 
14 AC3 12 TRP A 34 ? TRP A 29  . ? 1_555 ? 
15 AC3 12 ALA B 1  ? ALA P 1   . ? 8_555 ? 
16 AC3 12 ARG B 2  ? ARG P 2   . ? 8_555 ? 
17 AC3 12 THR B 3  ? THR P 3   . ? 1_555 ? 
18 AC3 12 THR B 3  ? THR P 3   . ? 8_555 ? 
19 AC3 12 THR B 6  ? THR P 6   . ? 1_555 ? 
20 AC3 12 HOH F .  ? HOH P 101 . ? 1_555 ? 
# 
_atom_sites.entry_id                    5YC3 
_atom_sites.fract_transf_matrix[1][1]   0.00088212 
_atom_sites.fract_transf_matrix[1][2]   0.01172837 
_atom_sites.fract_transf_matrix[1][3]   -0.03012545 
_atom_sites.fract_transf_matrix[2][1]   0.00757479 
_atom_sites.fract_transf_matrix[2][2]   0.02922273 
_atom_sites.fract_transf_matrix[2][3]   0.01159873 
_atom_sites.fract_transf_matrix[3][1]   0.00618842 
_atom_sites.fract_transf_matrix[3][2]   -0.00145169 
_atom_sites.fract_transf_matrix[3][3]   -0.00038397 
_atom_sites.fract_transf_vector[1]      0.353290 
_atom_sites.fract_transf_vector[2]      -0.317392 
_atom_sites.fract_transf_vector[3]      0.064614 
# 
loop_
_atom_type.symbol 
C  
N  
O  
S  
ZN 
# 
loop_
_atom_site.group_PDB 
_atom_site.id 
_atom_site.type_symbol 
_atom_site.label_atom_id 
_atom_site.label_alt_id 
_atom_site.label_comp_id 
_atom_site.label_asym_id 
_atom_site.label_entity_id 
_atom_site.label_seq_id 
_atom_site.pdbx_PDB_ins_code 
_atom_site.Cartn_x 
_atom_site.Cartn_y 
_atom_site.Cartn_z 
_atom_site.occupancy 
_atom_site.B_iso_or_equiv 
_atom_site.pdbx_formal_charge 
_atom_site.auth_seq_id 
_atom_site.auth_comp_id 
_atom_site.auth_asym_id 
_atom_site.auth_atom_id 
_atom_site.pdbx_PDB_model_num 
ATOM   1   N  N   . GLY A 1 1  ? -10.451 -12.446 15.152  1.00 44.76 ? -4  GLY A N   1 
ATOM   2   C  CA  . GLY A 1 1  ? -9.628  -11.283 14.877  1.00 43.87 ? -4  GLY A CA  1 
ATOM   3   C  C   . GLY A 1 1  ? -8.979  -10.734 16.132  1.00 44.72 ? -4  GLY A C   1 
ATOM   4   O  O   . GLY A 1 1  ? -9.635  -10.609 17.165  1.00 46.20 ? -4  GLY A O   1 
ATOM   5   N  N   . PRO A 1 2  ? -7.684  -10.394 16.048  1.00 40.20 ? -3  PRO A N   1 
ATOM   6   C  CA  . PRO A 1 2  ? -6.898  -9.901  17.184  1.00 39.92 ? -3  PRO A CA  1 
ATOM   7   C  C   . PRO A 1 2  ? -7.370  -8.544  17.702  1.00 39.22 ? -3  PRO A C   1 
ATOM   8   O  O   . PRO A 1 2  ? -7.797  -7.686  16.927  1.00 44.42 ? -3  PRO A O   1 
ATOM   9   C  CB  . PRO A 1 2  ? -5.483  -9.793  16.608  1.00 43.82 ? -3  PRO A CB  1 
ATOM   10  C  CG  . PRO A 1 2  ? -5.695  -9.571  15.159  1.00 49.80 ? -3  PRO A CG  1 
ATOM   11  C  CD  . PRO A 1 2  ? -6.898  -10.397 14.803  1.00 52.20 ? -3  PRO A CD  1 
ATOM   12  N  N   . LEU A 1 3  ? -7.294  -8.363  19.015  1.00 37.03 ? -2  LEU A N   1 
ATOM   13  C  CA  . LEU A 1 3  ? -7.671  -7.106  19.642  1.00 33.47 ? -2  LEU A CA  1 
ATOM   14  C  C   . LEU A 1 3  ? -6.427  -6.248  19.851  1.00 35.49 ? -2  LEU A C   1 
ATOM   15  O  O   . LEU A 1 3  ? -5.362  -6.757  20.201  1.00 35.71 ? -2  LEU A O   1 
ATOM   16  C  CB  . LEU A 1 3  ? -8.390  -7.358  20.971  1.00 31.08 ? -2  LEU A CB  1 
ATOM   17  C  CG  . LEU A 1 3  ? -9.599  -8.302  20.913  1.00 32.33 ? -2  LEU A CG  1 
ATOM   18  C  CD1 . LEU A 1 3  ? -10.310 -8.372  22.258  1.00 31.63 ? -2  LEU A CD1 1 
ATOM   19  C  CD2 . LEU A 1 3  ? -10.566 -7.892  19.811  1.00 32.55 ? -2  LEU A CD2 1 
ATOM   20  N  N   . GLY A 1 4  ? -6.559  -4.948  19.627  1.00 34.56 ? -1  GLY A N   1 
ATOM   21  C  CA  . GLY A 1 4  ? -5.424  -4.055  19.745  1.00 31.88 ? -1  GLY A CA  1 
ATOM   22  C  C   . GLY A 1 4  ? -4.672  -3.956  18.437  1.00 27.33 ? -1  GLY A C   1 
ATOM   23  O  O   . GLY A 1 4  ? -5.211  -4.284  17.383  1.00 37.50 ? -1  GLY A O   1 
ATOM   24  N  N   . SER A 1 5  ? -3.422  -3.517  18.497  1.00 27.64 ? 0   SER A N   1 
ATOM   25  C  CA  . SER A 1 5  ? -2.663  -3.271  17.281  1.00 31.27 ? 0   SER A CA  1 
ATOM   26  C  C   . SER A 1 5  ? -1.159  -3.338  17.496  1.00 32.51 ? 0   SER A C   1 
ATOM   27  O  O   . SER A 1 5  ? -0.682  -3.488  18.621  1.00 34.21 ? 0   SER A O   1 
ATOM   28  C  CB  . SER A 1 5  ? -3.030  -1.903  16.710  1.00 32.82 ? 0   SER A CB  1 
ATOM   29  O  OG  . SER A 1 5  ? -2.825  -0.885  17.676  1.00 33.80 ? 0   SER A OG  1 
ATOM   30  N  N   . ASP A 1 6  ? -0.421  -3.228  16.398  1.00 32.73 ? 1   ASP A N   1 
ATOM   31  C  CA  . ASP A 1 6  ? 1.028   -3.111  16.438  1.00 35.00 ? 1   ASP A CA  1 
ATOM   32  C  C   . ASP A 1 6  ? 1.355   -1.627  16.321  1.00 36.49 ? 1   ASP A C   1 
ATOM   33  O  O   . ASP A 1 6  ? 1.001   -0.990  15.336  1.00 35.14 ? 1   ASP A O   1 
ATOM   34  C  CB  . ASP A 1 6  ? 1.673   -3.924  15.308  1.00 33.21 ? 1   ASP A CB  1 
ATOM   35  C  CG  . ASP A 1 6  ? 3.190   -3.982  15.403  1.00 36.30 ? 1   ASP A CG  1 
ATOM   36  O  OD1 . ASP A 1 6  ? 3.778   -3.278  16.251  1.00 34.65 ? 1   ASP A OD1 1 
ATOM   37  O  OD2 . ASP A 1 6  ? 3.803   -4.736  14.615  1.00 37.34 ? 1   ASP A OD2 1 
ATOM   38  N  N   . HIS A 1 7  ? 2.011   -1.071  17.332  1.00 37.54 ? 2   HIS A N   1 
ATOM   39  C  CA  . HIS A 1 7  ? 2.311   0.356   17.340  1.00 37.55 ? 2   HIS A CA  1 
ATOM   40  C  C   . HIS A 1 7  ? 3.187   0.743   16.148  1.00 44.47 ? 2   HIS A C   1 
ATOM   41  O  O   . HIS A 1 7  ? 3.147   1.881   15.675  1.00 44.95 ? 2   HIS A O   1 
ATOM   42  C  CB  . HIS A 1 7  ? 2.992   0.754   18.648  1.00 33.92 ? 2   HIS A CB  1 
ATOM   43  C  CG  . HIS A 1 7  ? 3.167   2.231   18.810  1.00 38.59 ? 2   HIS A CG  1 
ATOM   44  N  ND1 . HIS A 1 7  ? 4.342   2.797   19.251  1.00 41.41 ? 2   HIS A ND1 1 
ATOM   45  C  CD2 . HIS A 1 7  ? 2.313   3.259   18.589  1.00 39.13 ? 2   HIS A CD2 1 
ATOM   46  C  CE1 . HIS A 1 7  ? 4.207   4.111   19.295  1.00 36.70 ? 2   HIS A CE1 1 
ATOM   47  N  NE2 . HIS A 1 7  ? 2.985   4.416   18.897  1.00 41.83 ? 2   HIS A NE2 1 
ATOM   48  N  N   . GLY A 1 8  ? 3.970   -0.216  15.663  1.00 45.24 ? 3   GLY A N   1 
ATOM   49  C  CA  . GLY A 1 8  ? 4.764   -0.021  14.465  1.00 49.54 ? 3   GLY A CA  1 
ATOM   50  C  C   . GLY A 1 8  ? 4.043   -0.527  13.229  1.00 53.67 ? 3   GLY A C   1 
ATOM   51  O  O   . GLY A 1 8  ? 4.562   -1.375  12.500  1.00 52.73 ? 3   GLY A O   1 
ATOM   52  N  N   . GLU A 1 9  ? 2.841   -0.006  12.997  1.00 49.86 ? 4   GLU A N   1 
ATOM   53  C  CA  . GLU A 1 9  ? 2.017   -0.445  11.874  1.00 43.54 ? 4   GLU A CA  1 
ATOM   54  C  C   . GLU A 1 9  ? 1.913   0.589   10.763  1.00 41.20 ? 4   GLU A C   1 
ATOM   55  O  O   . GLU A 1 9  ? 2.055   1.791   10.988  1.00 45.31 ? 4   GLU A O   1 
ATOM   56  C  CB  . GLU A 1 9  ? 0.606   -0.796  12.349  1.00 41.74 ? 4   GLU A CB  1 
ATOM   57  C  CG  . GLU A 1 9  ? 0.344   -2.282  12.489  1.00 41.47 ? 4   GLU A CG  1 
ATOM   58  C  CD  . GLU A 1 9  ? -1.010  -2.573  13.104  1.00 41.70 ? 4   GLU A CD  1 
ATOM   59  O  OE1 . GLU A 1 9  ? -1.708  -1.606  13.477  1.00 39.29 ? 4   GLU A OE1 1 
ATOM   60  O  OE2 . GLU A 1 9  ? -1.375  -3.765  13.212  1.00 43.00 ? 4   GLU A OE2 1 
ATOM   61  N  N   . THR A 1 10 ? 1.661   0.097   9.558   1.00 38.42 ? 5   THR A N   1 
ATOM   62  C  CA  . THR A 1 10 ? 1.333   0.945   8.426   1.00 37.26 ? 5   THR A CA  1 
ATOM   63  C  C   . THR A 1 10 ? -0.111  0.681   8.031   1.00 36.29 ? 5   THR A C   1 
ATOM   64  O  O   . THR A 1 10 ? -0.514  -0.471  7.871   1.00 37.70 ? 5   THR A O   1 
ATOM   65  C  CB  . THR A 1 10 ? 2.262   0.685   7.230   1.00 37.73 ? 5   THR A CB  1 
ATOM   66  O  OG1 . THR A 1 10 ? 3.586   1.137   7.544   1.00 38.27 ? 5   THR A OG1 1 
ATOM   67  C  CG2 . THR A 1 10 ? 1.759   1.416   6.000   1.00 29.94 ? 5   THR A CG2 1 
ATOM   68  N  N   . LEU A 1 11 ? -0.896  1.741   7.891   1.00 38.70 ? 6   LEU A N   1 
ATOM   69  C  CA  . LEU A 1 11 ? -2.299  1.584   7.529   1.00 36.28 ? 6   LEU A CA  1 
ATOM   70  C  C   . LEU A 1 11 ? -2.561  1.983   6.085   1.00 32.69 ? 6   LEU A C   1 
ATOM   71  O  O   . LEU A 1 11 ? -2.073  3.009   5.611   1.00 32.14 ? 6   LEU A O   1 
ATOM   72  C  CB  . LEU A 1 11 ? -3.186  2.402   8.465   1.00 33.93 ? 6   LEU A CB  1 
ATOM   73  C  CG  . LEU A 1 11 ? -3.120  1.997   9.937   1.00 31.74 ? 6   LEU A CG  1 
ATOM   74  C  CD1 . LEU A 1 11 ? -4.117  2.805   10.740  1.00 22.16 ? 6   LEU A CD1 1 
ATOM   75  C  CD2 . LEU A 1 11 ? -3.376  0.506   10.101  1.00 32.02 ? 6   LEU A CD2 1 
ATOM   76  N  N   . CYS A 1 12 ? -3.332  1.152   5.391   1.00 31.10 ? 7   CYS A N   1 
ATOM   77  C  CA  . CYS A 1 12 ? -3.722  1.432   4.018   1.00 26.56 ? 7   CYS A CA  1 
ATOM   78  C  C   . CYS A 1 12 ? -4.575  2.691   3.974   1.00 26.93 ? 7   CYS A C   1 
ATOM   79  O  O   . CYS A 1 12 ? -5.485  2.849   4.782   1.00 30.54 ? 7   CYS A O   1 
ATOM   80  C  CB  . CYS A 1 12 ? -4.481  0.248   3.423   1.00 26.00 ? 7   CYS A CB  1 
ATOM   81  S  SG  . CYS A 1 12 ? -5.061  0.525   1.743   1.00 28.15 ? 7   CYS A SG  1 
ATOM   82  N  N   . GLY A 1 13 ? -4.273  3.584   3.038   1.00 26.69 ? 8   GLY A N   1 
ATOM   83  C  CA  . GLY A 1 13 ? -4.982  4.845   2.940   1.00 26.62 ? 8   GLY A CA  1 
ATOM   84  C  C   . GLY A 1 13 ? -6.397  4.706   2.406   1.00 32.40 ? 8   GLY A C   1 
ATOM   85  O  O   . GLY A 1 13 ? -7.173  5.662   2.438   1.00 35.13 ? 8   GLY A O   1 
ATOM   86  N  N   . ALA A 1 14 ? -6.732  3.514   1.918   1.00 30.34 ? 9   ALA A N   1 
ATOM   87  C  CA  . ALA A 1 14 ? -8.050  3.255   1.345   1.00 34.28 ? 9   ALA A CA  1 
ATOM   88  C  C   . ALA A 1 14 ? -8.964  2.488   2.304   1.00 36.86 ? 9   ALA A C   1 
ATOM   89  O  O   . ALA A 1 14 ? -10.049 2.961   2.648   1.00 38.55 ? 9   ALA A O   1 
ATOM   90  C  CB  . ALA A 1 14 ? -7.909  2.492   0.029   1.00 26.85 ? 9   ALA A CB  1 
ATOM   91  N  N   . CYS A 1 15 ? -8.525  1.307   2.732   1.00 35.54 ? 10  CYS A N   1 
ATOM   92  C  CA  . CYS A 1 15 ? -9.346  0.451   3.585   1.00 32.03 ? 10  CYS A CA  1 
ATOM   93  C  C   . CYS A 1 15 ? -9.045  0.654   5.070   1.00 32.99 ? 10  CYS A C   1 
ATOM   94  O  O   . CYS A 1 15 ? -9.882  0.371   5.927   1.00 34.12 ? 10  CYS A O   1 
ATOM   95  C  CB  . CYS A 1 15 ? -9.149  -1.018  3.209   1.00 31.05 ? 10  CYS A CB  1 
ATOM   96  S  SG  . CYS A 1 15 ? -7.521  -1.681  3.615   1.00 28.68 ? 10  CYS A SG  1 
ATOM   97  N  N   . GLY A 1 16 ? -7.843  1.133   5.372   1.00 33.07 ? 11  GLY A N   1 
ATOM   98  C  CA  . GLY A 1 16 ? -7.484  1.458   6.741   1.00 28.01 ? 11  GLY A CA  1 
ATOM   99  C  C   . GLY A 1 16 ? -7.034  0.273   7.573   1.00 28.12 ? 11  GLY A C   1 
ATOM   100 O  O   . GLY A 1 16 ? -6.927  0.379   8.793   1.00 32.58 ? 11  GLY A O   1 
ATOM   101 N  N   . ASP A 1 17 ? -6.771  -0.857  6.924   1.00 28.26 ? 12  ASP A N   1 
ATOM   102 C  CA  . ASP A 1 17 ? -6.288  -2.041  7.632   1.00 28.31 ? 12  ASP A CA  1 
ATOM   103 C  C   . ASP A 1 17 ? -4.762  -2.091  7.718   1.00 40.18 ? 12  ASP A C   1 
ATOM   104 O  O   . ASP A 1 17 ? -4.057  -1.333  7.048   1.00 38.51 ? 12  ASP A O   1 
ATOM   105 C  CB  . ASP A 1 17 ? -6.793  -3.317  6.963   1.00 28.84 ? 12  ASP A CB  1 
ATOM   106 C  CG  . ASP A 1 17 ? -8.241  -3.615  7.293   1.00 41.63 ? 12  ASP A CG  1 
ATOM   107 O  OD1 . ASP A 1 17 ? -8.810  -2.945  8.188   1.00 38.24 ? 12  ASP A OD1 1 
ATOM   108 O  OD2 . ASP A 1 17 ? -8.808  -4.533  6.662   1.00 45.21 ? 12  ASP A OD2 1 
ATOM   109 N  N   . SER A 1 18 ? -4.259  -3.002  8.544   1.00 41.83 ? 13  SER A N   1 
ATOM   110 C  CA  . SER A 1 18 ? -2.823  -3.175  8.717   1.00 38.76 ? 13  SER A CA  1 
ATOM   111 C  C   . SER A 1 18 ? -2.250  -4.031  7.592   1.00 39.04 ? 13  SER A C   1 
ATOM   112 O  O   . SER A 1 18 ? -2.988  -4.531  6.744   1.00 34.63 ? 13  SER A O   1 
ATOM   113 C  CB  . SER A 1 18 ? -2.520  -3.815  10.073  1.00 43.22 ? 13  SER A CB  1 
ATOM   114 O  OG  . SER A 1 18 ? -3.378  -3.309  11.082  1.00 48.98 ? 13  SER A OG  1 
ATOM   115 N  N   . ASP A 1 19 ? -0.932  -4.200  7.588   1.00 40.41 ? 14  ASP A N   1 
ATOM   116 C  CA  . ASP A 1 19 ? -0.286  -5.040  6.588   1.00 38.85 ? 14  ASP A CA  1 
ATOM   117 C  C   . ASP A 1 19 ? -0.320  -6.503  7.012   1.00 37.83 ? 14  ASP A C   1 
ATOM   118 O  O   . ASP A 1 19 ? -0.084  -6.825  8.176   1.00 38.93 ? 14  ASP A O   1 
ATOM   119 C  CB  . ASP A 1 19 ? 1.157   -4.591  6.346   1.00 41.40 ? 14  ASP A CB  1 
ATOM   120 C  CG  . ASP A 1 19 ? 2.016   -4.697  7.588   1.00 51.07 ? 14  ASP A CG  1 
ATOM   121 O  OD1 . ASP A 1 19 ? 1.956   -3.773  8.431   1.00 59.23 ? 14  ASP A OD1 1 
ATOM   122 O  OD2 . ASP A 1 19 ? 2.751   -5.702  7.724   1.00 42.81 ? 14  ASP A OD2 1 
ATOM   123 N  N   . GLY A 1 20 ? -0.623  -7.383  6.064   1.00 37.78 ? 15  GLY A N   1 
ATOM   124 C  CA  . GLY A 1 20 ? -0.660  -8.808  6.327   1.00 26.31 ? 15  GLY A CA  1 
ATOM   125 C  C   . GLY A 1 20 ? 0.382   -9.559  5.520   1.00 32.07 ? 15  GLY A C   1 
ATOM   126 O  O   . GLY A 1 20 ? 1.324   -8.965  4.991   1.00 32.89 ? 15  GLY A O   1 
ATOM   127 N  N   . ALA A 1 21 ? 0.202   -10.871 5.411   1.00 28.79 ? 16  ALA A N   1 
ATOM   128 C  CA  . ALA A 1 21 ? 1.194   -11.727 4.774   1.00 24.56 ? 16  ALA A CA  1 
ATOM   129 C  C   . ALA A 1 21 ? 1.040   -11.772 3.256   1.00 28.23 ? 16  ALA A C   1 
ATOM   130 O  O   . ALA A 1 21 ? -0.064  -11.929 2.739   1.00 33.66 ? 16  ALA A O   1 
ATOM   131 C  CB  . ALA A 1 21 ? 1.114   -13.129 5.349   1.00 31.20 ? 16  ALA A CB  1 
ATOM   132 N  N   . ASP A 1 22 ? 2.165   -11.631 2.562   1.00 30.04 ? 17  ASP A N   1 
ATOM   133 C  CA  . ASP A 1 22 ? 2.246   -11.783 1.111   1.00 28.68 ? 17  ASP A CA  1 
ATOM   134 C  C   . ASP A 1 22 ? 1.337   -10.810 0.368   1.00 28.16 ? 17  ASP A C   1 
ATOM   135 O  O   . ASP A 1 22 ? 0.651   -11.185 -0.583  1.00 34.37 ? 17  ASP A O   1 
ATOM   136 C  CB  . ASP A 1 22 ? 1.914   -13.222 0.714   1.00 23.97 ? 17  ASP A CB  1 
ATOM   137 C  CG  . ASP A 1 22 ? 2.465   -13.588 -0.643  1.00 31.54 ? 17  ASP A CG  1 
ATOM   138 O  OD1 . ASP A 1 22 ? 3.344   -12.855 -1.144  1.00 34.28 ? 17  ASP A OD1 1 
ATOM   139 O  OD2 . ASP A 1 22 ? 2.028   -14.612 -1.207  1.00 39.00 ? 17  ASP A OD2 1 
ATOM   140 N  N   . GLU A 1 23 ? 1.350   -9.555  0.804   1.00 29.07 ? 18  GLU A N   1 
ATOM   141 C  CA  . GLU A 1 23 ? 0.538   -8.512  0.190   1.00 29.26 ? 18  GLU A CA  1 
ATOM   142 C  C   . GLU A 1 23 ? 1.400   -7.552  -0.617  1.00 32.62 ? 18  GLU A C   1 
ATOM   143 O  O   . GLU A 1 23 ? 2.539   -7.262  -0.242  1.00 30.77 ? 18  GLU A O   1 
ATOM   144 C  CB  . GLU A 1 23 ? -0.232  -7.738  1.256   1.00 26.24 ? 18  GLU A CB  1 
ATOM   145 C  CG  . GLU A 1 23 ? -1.184  -8.583  2.068   1.00 25.85 ? 18  GLU A CG  1 
ATOM   146 C  CD  . GLU A 1 23 ? -1.834  -7.797  3.182   1.00 34.85 ? 18  GLU A CD  1 
ATOM   147 O  OE1 . GLU A 1 23 ? -1.419  -6.640  3.415   1.00 37.21 ? 18  GLU A OE1 1 
ATOM   148 O  OE2 . GLU A 1 23 ? -2.759  -8.332  3.832   1.00 36.43 ? 18  GLU A OE2 1 
ATOM   149 N  N   . PHE A 1 24 ? 0.860   -7.058  -1.725  1.00 28.29 ? 19  PHE A N   1 
ATOM   150 C  CA  . PHE A 1 24 ? 1.565   -6.055  -2.513  1.00 29.56 ? 19  PHE A CA  1 
ATOM   151 C  C   . PHE A 1 24 ? 1.106   -4.654  -2.130  1.00 31.19 ? 19  PHE A C   1 
ATOM   152 O  O   . PHE A 1 24 ? -0.088  -4.360  -2.125  1.00 29.88 ? 19  PHE A O   1 
ATOM   153 C  CB  . PHE A 1 24 ? 1.359   -6.279  -4.011  1.00 30.56 ? 19  PHE A CB  1 
ATOM   154 C  CG  . PHE A 1 24 ? 2.049   -5.257  -4.870  1.00 31.15 ? 19  PHE A CG  1 
ATOM   155 C  CD1 . PHE A 1 24 ? 3.425   -5.282  -5.033  1.00 28.41 ? 19  PHE A CD1 1 
ATOM   156 C  CD2 . PHE A 1 24 ? 1.324   -4.262  -5.503  1.00 29.88 ? 19  PHE A CD2 1 
ATOM   157 C  CE1 . PHE A 1 24 ? 4.063   -4.337  -5.817  1.00 28.43 ? 19  PHE A CE1 1 
ATOM   158 C  CE2 . PHE A 1 24 ? 1.957   -3.313  -6.289  1.00 24.99 ? 19  PHE A CE2 1 
ATOM   159 C  CZ  . PHE A 1 24 ? 3.326   -3.353  -6.444  1.00 27.77 ? 19  PHE A CZ  1 
ATOM   160 N  N   . TRP A 1 25 ? 2.066   -3.796  -1.812  1.00 29.56 ? 20  TRP A N   1 
ATOM   161 C  CA  . TRP A 1 25 ? 1.776   -2.429  -1.408  1.00 25.65 ? 20  TRP A CA  1 
ATOM   162 C  C   . TRP A 1 25 ? 2.459   -1.422  -2.320  1.00 26.63 ? 20  TRP A C   1 
ATOM   163 O  O   . TRP A 1 25 ? 3.479   -1.721  -2.943  1.00 29.06 ? 20  TRP A O   1 
ATOM   164 C  CB  . TRP A 1 25 ? 2.229   -2.185  0.032   1.00 27.97 ? 20  TRP A CB  1 
ATOM   165 C  CG  . TRP A 1 25 ? 1.400   -2.844  1.082   1.00 25.21 ? 20  TRP A CG  1 
ATOM   166 C  CD1 . TRP A 1 25 ? 1.314   -4.178  1.347   1.00 28.79 ? 20  TRP A CD1 1 
ATOM   167 C  CD2 . TRP A 1 25 ? 0.563   -2.189  2.043   1.00 28.32 ? 20  TRP A CD2 1 
ATOM   168 N  NE1 . TRP A 1 25 ? 0.461   -4.399  2.404   1.00 27.48 ? 20  TRP A NE1 1 
ATOM   169 C  CE2 . TRP A 1 25 ? -0.012  -3.191  2.849   1.00 29.22 ? 20  TRP A CE2 1 
ATOM   170 C  CE3 . TRP A 1 25 ? 0.237   -0.852  2.293   1.00 26.45 ? 20  TRP A CE3 1 
ATOM   171 C  CZ2 . TRP A 1 25 ? -0.892  -2.899  3.888   1.00 29.80 ? 20  TRP A CZ2 1 
ATOM   172 C  CZ3 . TRP A 1 25 ? -0.641  -0.563  3.324   1.00 26.00 ? 20  TRP A CZ3 1 
ATOM   173 C  CH2 . TRP A 1 25 ? -1.194  -1.581  4.110   1.00 27.10 ? 20  TRP A CH2 1 
ATOM   174 N  N   . ILE A 1 26 ? 1.903   -0.218  -2.378  1.00 22.92 ? 21  ILE A N   1 
ATOM   175 C  CA  . ILE A 1 26 ? 2.503   0.861   -3.151  1.00 25.62 ? 21  ILE A CA  1 
ATOM   176 C  C   . ILE A 1 26 ? 2.322   2.190   -2.413  1.00 24.80 ? 21  ILE A C   1 
ATOM   177 O  O   . ILE A 1 26 ? 1.328   2.394   -1.708  1.00 21.80 ? 21  ILE A O   1 
ATOM   178 C  CB  . ILE A 1 26 ? 1.904   0.932   -4.574  1.00 23.99 ? 21  ILE A CB  1 
ATOM   179 C  CG1 . ILE A 1 26 ? 2.669   1.934   -5.439  1.00 20.29 ? 21  ILE A CG1 1 
ATOM   180 C  CG2 . ILE A 1 26 ? 0.410   1.247   -4.529  1.00 21.64 ? 21  ILE A CG2 1 
ATOM   181 C  CD1 . ILE A 1 26 ? 2.262   1.907   -6.891  1.00 25.55 ? 21  ILE A CD1 1 
ATOM   182 N  N   . CYS A 1 27 ? 3.299   3.079   -2.558  1.00 25.83 ? 22  CYS A N   1 
ATOM   183 C  CA  . CYS A 1 27 ? 3.312   4.330   -1.812  1.00 27.12 ? 22  CYS A CA  1 
ATOM   184 C  C   . CYS A 1 27 ? 3.184   5.542   -2.727  1.00 24.74 ? 22  CYS A C   1 
ATOM   185 O  O   . CYS A 1 27 ? 3.821   5.609   -3.777  1.00 23.95 ? 22  CYS A O   1 
ATOM   186 C  CB  . CYS A 1 27 ? 4.596   4.432   -0.989  1.00 23.25 ? 22  CYS A CB  1 
ATOM   187 S  SG  . CYS A 1 27 ? 4.578   5.707   0.277   1.00 27.79 ? 22  CYS A SG  1 
ATOM   188 N  N   . CYS A 1 28 ? 2.358   6.498   -2.319  1.00 25.49 ? 23  CYS A N   1 
ATOM   189 C  CA  . CYS A 1 28 ? 2.218   7.751   -3.048  1.00 29.54 ? 23  CYS A CA  1 
ATOM   190 C  C   . CYS A 1 28 ? 3.427   8.652   -2.793  1.00 30.01 ? 23  CYS A C   1 
ATOM   191 O  O   . CYS A 1 28 ? 3.807   8.874   -1.648  1.00 27.39 ? 23  CYS A O   1 
ATOM   192 C  CB  . CYS A 1 28 ? 0.926   8.457   -2.640  1.00 22.23 ? 23  CYS A CB  1 
ATOM   193 S  SG  . CYS A 1 28 ? 0.694   10.074  -3.403  1.00 25.74 ? 23  CYS A SG  1 
ATOM   194 N  N   . ASP A 1 29 ? 4.034   9.176   -3.853  1.00 26.75 ? 24  ASP A N   1 
ATOM   195 C  CA  . ASP A 1 29 ? 5.246   9.975   -3.689  1.00 26.20 ? 24  ASP A CA  1 
ATOM   196 C  C   . ASP A 1 29 ? 4.960   11.408  -3.237  1.00 30.69 ? 24  ASP A C   1 
ATOM   197 O  O   . ASP A 1 29 ? 5.885   12.168  -2.940  1.00 24.51 ? 24  ASP A O   1 
ATOM   198 C  CB  . ASP A 1 29 ? 6.053   9.993   -4.990  1.00 24.06 ? 24  ASP A CB  1 
ATOM   199 C  CG  . ASP A 1 29 ? 6.863   8.723   -5.193  1.00 31.11 ? 24  ASP A CG  1 
ATOM   200 O  OD1 . ASP A 1 29 ? 7.064   7.973   -4.211  1.00 28.93 ? 24  ASP A OD1 1 
ATOM   201 O  OD2 . ASP A 1 29 ? 7.311   8.473   -6.332  1.00 34.74 ? 24  ASP A OD2 1 
ATOM   202 N  N   . LEU A 1 30 ? 3.684   11.776  -3.171  1.00 31.69 ? 25  LEU A N   1 
ATOM   203 C  CA  . LEU A 1 30 ? 3.325   13.143  -2.813  1.00 31.61 ? 25  LEU A CA  1 
ATOM   204 C  C   . LEU A 1 30 ? 2.872   13.282  -1.359  1.00 30.44 ? 25  LEU A C   1 
ATOM   205 O  O   . LEU A 1 30 ? 3.309   14.196  -0.660  1.00 35.67 ? 25  LEU A O   1 
ATOM   206 C  CB  . LEU A 1 30 ? 2.239   13.671  -3.752  1.00 33.23 ? 25  LEU A CB  1 
ATOM   207 C  CG  . LEU A 1 30 ? 2.697   13.992  -5.181  1.00 34.55 ? 25  LEU A CG  1 
ATOM   208 C  CD1 . LEU A 1 30 ? 1.688   14.891  -5.871  1.00 46.69 ? 25  LEU A CD1 1 
ATOM   209 C  CD2 . LEU A 1 30 ? 4.078   14.631  -5.199  1.00 38.93 ? 25  LEU A CD2 1 
ATOM   210 N  N   . CYS A 1 31 ? 2.005   12.382  -0.903  1.00 26.46 ? 26  CYS A N   1 
ATOM   211 C  CA  . CYS A 1 31 ? 1.513   12.439  0.474   1.00 28.50 ? 26  CYS A CA  1 
ATOM   212 C  C   . CYS A 1 31 ? 2.142   11.344  1.333   1.00 31.17 ? 26  CYS A C   1 
ATOM   213 O  O   . CYS A 1 31 ? 1.981   11.330  2.555   1.00 28.95 ? 26  CYS A O   1 
ATOM   214 C  CB  . CYS A 1 31 ? -0.015  12.324  0.511   1.00 26.42 ? 26  CYS A CB  1 
ATOM   215 S  SG  . CYS A 1 31 ? -0.673  10.667  0.180   1.00 28.88 ? 26  CYS A SG  1 
ATOM   216 N  N   . GLU A 1 32 ? 2.849   10.429  0.673   1.00 32.73 ? 27  GLU A N   1 
ATOM   217 C  CA  . GLU A 1 32 ? 3.567   9.330   1.323   1.00 30.99 ? 27  GLU A CA  1 
ATOM   218 C  C   . GLU A 1 32 ? 2.668   8.378   2.107   1.00 28.50 ? 27  GLU A C   1 
ATOM   219 O  O   . GLU A 1 32 ? 3.081   7.817   3.119   1.00 38.69 ? 27  GLU A O   1 
ATOM   220 C  CB  . GLU A 1 32 ? 4.665   9.882   2.230   1.00 31.92 ? 27  GLU A CB  1 
ATOM   221 C  CG  . GLU A 1 32 ? 5.779   10.570  1.459   1.00 34.32 ? 27  GLU A CG  1 
ATOM   222 C  CD  . GLU A 1 32 ? 6.908   11.046  2.348   1.00 45.76 ? 27  GLU A CD  1 
ATOM   223 O  OE1 . GLU A 1 32 ? 6.629   11.721  3.363   1.00 47.71 ? 27  GLU A OE1 1 
ATOM   224 O  OE2 . GLU A 1 32 ? 8.078   10.741  2.030   1.00 48.94 ? 27  GLU A OE2 1 
ATOM   225 N  N   . LYS A 1 33 ? 1.445   8.186   1.625   1.00 27.88 ? 28  LYS A N   1 
ATOM   226 C  CA  . LYS A 1 33 ? 0.566   7.159   2.168   1.00 29.40 ? 28  LYS A CA  1 
ATOM   227 C  C   . LYS A 1 33 ? 0.810   5.820   1.468   1.00 27.28 ? 28  LYS A C   1 
ATOM   228 O  O   . LYS A 1 33 ? 1.165   5.780   0.289   1.00 27.43 ? 28  LYS A O   1 
ATOM   229 C  CB  . LYS A 1 33 ? -0.903  7.563   2.024   1.00 29.60 ? 28  LYS A CB  1 
ATOM   230 C  CG  . LYS A 1 33 ? -1.364  8.642   2.990   1.00 33.88 ? 28  LYS A CG  1 
ATOM   231 C  CD  . LYS A 1 33 ? -2.829  8.978   2.752   1.00 39.48 ? 28  LYS A CD  1 
ATOM   232 C  CE  . LYS A 1 33 ? -3.307  10.110  3.651   1.00 48.32 ? 28  LYS A CE  1 
ATOM   233 N  NZ  . LYS A 1 33 ? -4.724  10.491  3.356   1.00 50.46 ? 28  LYS A NZ  1 
ATOM   234 N  N   . TRP A 1 34 ? 0.625   4.729   2.203   1.00 27.22 ? 29  TRP A N   1 
ATOM   235 C  CA  . TRP A 1 34 ? 0.750   3.391   1.639   1.00 21.75 ? 29  TRP A CA  1 
ATOM   236 C  C   . TRP A 1 34 ? -0.620  2.821   1.299   1.00 24.70 ? 29  TRP A C   1 
ATOM   237 O  O   . TRP A 1 34 ? -1.614  3.146   1.947   1.00 25.67 ? 29  TRP A O   1 
ATOM   238 C  CB  . TRP A 1 34 ? 1.475   2.455   2.607   1.00 23.13 ? 29  TRP A CB  1 
ATOM   239 C  CG  . TRP A 1 34 ? 2.963   2.551   2.568   1.00 27.10 ? 29  TRP A CG  1 
ATOM   240 C  CD1 . TRP A 1 34 ? 3.767   3.255   3.423   1.00 27.10 ? 29  TRP A CD1 1 
ATOM   241 C  CD2 . TRP A 1 34 ? 3.837   1.907   1.634   1.00 23.83 ? 29  TRP A CD2 1 
ATOM   242 N  NE1 . TRP A 1 34 ? 5.085   3.091   3.076   1.00 24.02 ? 29  TRP A NE1 1 
ATOM   243 C  CE2 . TRP A 1 34 ? 5.156   2.270   1.978   1.00 28.26 ? 29  TRP A CE2 1 
ATOM   244 C  CE3 . TRP A 1 34 ? 3.633   1.060   0.541   1.00 21.93 ? 29  TRP A CE3 1 
ATOM   245 C  CZ2 . TRP A 1 34 ? 6.265   1.816   1.266   1.00 23.46 ? 29  TRP A CZ2 1 
ATOM   246 C  CZ3 . TRP A 1 34 ? 4.736   0.613   -0.166  1.00 24.93 ? 29  TRP A CZ3 1 
ATOM   247 C  CH2 . TRP A 1 34 ? 6.035   0.989   0.200   1.00 21.94 ? 29  TRP A CH2 1 
ATOM   248 N  N   . PHE A 1 35 ? -0.661  1.964   0.286   1.00 27.09 ? 30  PHE A N   1 
ATOM   249 C  CA  . PHE A 1 35 ? -1.913  1.362   -0.164  1.00 24.55 ? 30  PHE A CA  1 
ATOM   250 C  C   . PHE A 1 35 ? -1.728  -0.103  -0.539  1.00 26.28 ? 30  PHE A C   1 
ATOM   251 O  O   . PHE A 1 35 ? -0.748  -0.455  -1.195  1.00 27.62 ? 30  PHE A O   1 
ATOM   252 C  CB  . PHE A 1 35 ? -2.473  2.121   -1.373  1.00 23.91 ? 30  PHE A CB  1 
ATOM   253 C  CG  . PHE A 1 35 ? -2.794  3.567   -1.101  1.00 24.60 ? 30  PHE A CG  1 
ATOM   254 C  CD1 . PHE A 1 35 ? -1.826  4.550   -1.243  1.00 24.95 ? 30  PHE A CD1 1 
ATOM   255 C  CD2 . PHE A 1 35 ? -4.072  3.944   -0.726  1.00 24.36 ? 30  PHE A CD2 1 
ATOM   256 C  CE1 . PHE A 1 35 ? -2.127  5.884   -0.999  1.00 29.26 ? 30  PHE A CE1 1 
ATOM   257 C  CE2 . PHE A 1 35 ? -4.382  5.273   -0.482  1.00 22.98 ? 30  PHE A CE2 1 
ATOM   258 C  CZ  . PHE A 1 35 ? -3.410  6.246   -0.618  1.00 24.26 ? 30  PHE A CZ  1 
ATOM   259 N  N   . HIS A 1 36 ? -2.665  -0.953  -0.124  1.00 29.96 ? 31  HIS A N   1 
ATOM   260 C  CA  . HIS A 1 36 ? -2.780  -2.281  -0.716  1.00 29.21 ? 31  HIS A CA  1 
ATOM   261 C  C   . HIS A 1 36 ? -2.890  -2.107  -2.223  1.00 30.76 ? 31  HIS A C   1 
ATOM   262 O  O   . HIS A 1 36 ? -3.671  -1.278  -2.692  1.00 28.57 ? 31  HIS A O   1 
ATOM   263 C  CB  . HIS A 1 36 ? -4.011  -3.040  -0.201  1.00 27.98 ? 31  HIS A CB  1 
ATOM   264 C  CG  . HIS A 1 36 ? -3.913  -3.494  1.222   1.00 28.53 ? 31  HIS A CG  1 
ATOM   265 N  ND1 . HIS A 1 36 ? -4.600  -2.879  2.246   1.00 32.12 ? 31  HIS A ND1 1 
ATOM   266 C  CD2 . HIS A 1 36 ? -3.235  -4.520  1.786   1.00 30.09 ? 31  HIS A CD2 1 
ATOM   267 C  CE1 . HIS A 1 36 ? -4.338  -3.499  3.384   1.00 28.93 ? 31  HIS A CE1 1 
ATOM   268 N  NE2 . HIS A 1 36 ? -3.514  -4.499  3.131   1.00 31.33 ? 31  HIS A NE2 1 
ATOM   269 N  N   . GLY A 1 37 ? -2.114  -2.874  -2.979  1.00 32.84 ? 32  GLY A N   1 
ATOM   270 C  CA  . GLY A 1 37 ? -2.232  -2.868  -4.425  1.00 27.34 ? 32  GLY A CA  1 
ATOM   271 C  C   . GLY A 1 37 ? -3.642  -3.251  -4.838  1.00 31.86 ? 32  GLY A C   1 
ATOM   272 O  O   . GLY A 1 37 ? -4.188  -2.715  -5.803  1.00 32.21 ? 32  GLY A O   1 
ATOM   273 N  N   . LYS A 1 38 ? -4.235  -4.171  -4.081  1.00 29.18 ? 33  LYS A N   1 
ATOM   274 C  CA  . LYS A 1 38 ? -5.595  -4.633  -4.329  1.00 32.62 ? 33  LYS A CA  1 
ATOM   275 C  C   . LYS A 1 38 ? -6.622  -3.527  -4.125  1.00 32.71 ? 33  LYS A C   1 
ATOM   276 O  O   . LYS A 1 38 ? -7.697  -3.553  -4.726  1.00 40.54 ? 33  LYS A O   1 
ATOM   277 C  CB  . LYS A 1 38 ? -5.938  -5.811  -3.414  1.00 37.39 ? 33  LYS A CB  1 
ATOM   278 C  CG  . LYS A 1 38 ? -5.131  -7.074  -3.666  1.00 43.29 ? 33  LYS A CG  1 
ATOM   279 C  CD  . LYS A 1 38 ? -5.535  -7.748  -4.964  1.00 48.95 ? 33  LYS A CD  1 
ATOM   280 C  CE  . LYS A 1 38 ? -4.805  -9.072  -5.141  1.00 52.48 ? 33  LYS A CE  1 
ATOM   281 N  NZ  . LYS A 1 38 ? -5.040  -10.001 -3.999  1.00 51.42 ? 33  LYS A NZ  1 
ATOM   282 N  N   . CYS A 1 39 ? -6.296  -2.561  -3.271  1.00 28.64 ? 34  CYS A N   1 
ATOM   283 C  CA  . CYS A 1 39 ? -7.240  -1.497  -2.940  1.00 33.04 ? 34  CYS A CA  1 
ATOM   284 C  C   . CYS A 1 39 ? -7.229  -0.368  -3.966  1.00 29.56 ? 34  CYS A C   1 
ATOM   285 O  O   . CYS A 1 39 ? -8.262  0.248   -4.222  1.00 36.63 ? 34  CYS A O   1 
ATOM   286 C  CB  . CYS A 1 39 ? -6.951  -0.945  -1.543  1.00 31.89 ? 34  CYS A CB  1 
ATOM   287 S  SG  . CYS A 1 39 ? -7.407  -2.075  -0.203  1.00 30.28 ? 34  CYS A SG  1 
ATOM   288 N  N   . VAL A 1 40 ? -6.069  -0.094  -4.551  1.00 27.37 ? 35  VAL A N   1 
ATOM   289 C  CA  . VAL A 1 40 ? -5.978  0.916   -5.602  1.00 27.69 ? 35  VAL A CA  1 
ATOM   290 C  C   . VAL A 1 40 ? -5.901  0.248   -6.976  1.00 29.64 ? 35  VAL A C   1 
ATOM   291 O  O   . VAL A 1 40 ? -5.645  0.905   -7.986  1.00 28.97 ? 35  VAL A O   1 
ATOM   292 C  CB  . VAL A 1 40 ? -4.766  1.850   -5.401  1.00 28.24 ? 35  VAL A CB  1 
ATOM   293 C  CG1 . VAL A 1 40 ? -5.003  2.782   -4.223  1.00 21.92 ? 35  VAL A CG1 1 
ATOM   294 C  CG2 . VAL A 1 40 ? -3.487  1.043   -5.213  1.00 26.37 ? 35  VAL A CG2 1 
ATOM   295 N  N   . LYS A 1 41 ? -6.124  -1.063  -6.991  1.00 33.91 ? 36  LYS A N   1 
ATOM   296 C  CA  . LYS A 1 41 ? -6.240  -1.844  -8.224  1.00 32.95 ? 36  LYS A CA  1 
ATOM   297 C  C   . LYS A 1 41 ? -4.976  -1.791  -9.073  1.00 30.74 ? 36  LYS A C   1 
ATOM   298 O  O   . LYS A 1 41 ? -5.034  -1.593  -10.286 1.00 37.36 ? 36  LYS A O   1 
ATOM   299 C  CB  . LYS A 1 41 ? -7.439  -1.369  -9.043  1.00 36.17 ? 36  LYS A CB  1 
ATOM   300 C  CG  . LYS A 1 41 ? -8.771  -1.586  -8.346  1.00 35.68 ? 36  LYS A CG  1 
ATOM   301 C  CD  . LYS A 1 41 ? -9.937  -1.136  -9.207  1.00 40.84 ? 36  LYS A CD  1 
ATOM   302 C  CE  . LYS A 1 41 ? -11.266 -1.493  -8.557  1.00 50.49 ? 36  LYS A CE  1 
ATOM   303 N  NZ  . LYS A 1 41 ? -11.356 -2.954  -8.261  1.00 59.17 ? 36  LYS A NZ  1 
ATOM   304 N  N   . ILE A 1 42 ? -3.834  -1.973  -8.427  1.00 32.17 ? 37  ILE A N   1 
ATOM   305 C  CA  . ILE A 1 42 ? -2.561  -2.000  -9.125  1.00 34.06 ? 37  ILE A CA  1 
ATOM   306 C  C   . ILE A 1 42 ? -1.804  -3.280  -8.799  1.00 30.70 ? 37  ILE A C   1 
ATOM   307 O  O   . ILE A 1 42 ? -1.585  -3.606  -7.634  1.00 31.89 ? 37  ILE A O   1 
ATOM   308 C  CB  . ILE A 1 42 ? -1.694  -0.783  -8.765  1.00 28.90 ? 37  ILE A CB  1 
ATOM   309 C  CG1 . ILE A 1 42 ? -2.400  0.506   -9.191  1.00 30.21 ? 37  ILE A CG1 1 
ATOM   310 C  CG2 . ILE A 1 42 ? -0.328  -0.897  -9.418  1.00 28.18 ? 37  ILE A CG2 1 
ATOM   311 C  CD1 . ILE A 1 42 ? -1.720  1.760   -8.720  1.00 22.41 ? 37  ILE A CD1 1 
ATOM   312 N  N   . THR A 1 43 ? -1.429  -4.008  -9.842  1.00 31.76 ? 38  THR A N   1 
ATOM   313 C  CA  . THR A 1 43 ? -0.629  -5.215  -9.698  1.00 32.98 ? 38  THR A CA  1 
ATOM   314 C  C   . THR A 1 43 ? 0.854   -4.856  -9.674  1.00 28.37 ? 38  THR A C   1 
ATOM   315 O  O   . THR A 1 43 ? 1.232   -3.763  -10.096 1.00 32.24 ? 38  THR A O   1 
ATOM   316 C  CB  . THR A 1 43 ? -0.908  -6.209  -10.843 1.00 34.26 ? 38  THR A CB  1 
ATOM   317 O  OG1 . THR A 1 43 ? -0.587  -5.597  -12.098 1.00 32.82 ? 38  THR A OG1 1 
ATOM   318 C  CG2 . THR A 1 43 ? -2.371  -6.629  -10.841 1.00 22.81 ? 38  THR A CG2 1 
ATOM   319 N  N   . PRO A 1 44 ? 1.698   -5.767  -9.161  1.00 32.44 ? 39  PRO A N   1 
ATOM   320 C  CA  . PRO A 1 44 ? 3.152   -5.571  -9.223  1.00 29.07 ? 39  PRO A CA  1 
ATOM   321 C  C   . PRO A 1 44 ? 3.639   -5.308  -10.647 1.00 32.14 ? 39  PRO A C   1 
ATOM   322 O  O   . PRO A 1 44 ? 4.507   -4.461  -10.857 1.00 34.52 ? 39  PRO A O   1 
ATOM   323 C  CB  . PRO A 1 44 ? 3.700   -6.896  -8.693  1.00 29.04 ? 39  PRO A CB  1 
ATOM   324 C  CG  . PRO A 1 44 ? 2.643   -7.382  -7.761  1.00 27.84 ? 39  PRO A CG  1 
ATOM   325 C  CD  . PRO A 1 44 ? 1.336   -6.953  -8.361  1.00 29.52 ? 39  PRO A CD  1 
ATOM   326 N  N   . ALA A 1 45 ? 3.065   -6.026  -11.609 1.00 34.38 ? 40  ALA A N   1 
ATOM   327 C  CA  . ALA A 1 45 ? 3.437   -5.889  -13.014 1.00 30.26 ? 40  ALA A CA  1 
ATOM   328 C  C   . ALA A 1 45 ? 3.186   -4.477  -13.528 1.00 35.95 ? 40  ALA A C   1 
ATOM   329 O  O   . ALA A 1 45 ? 4.039   -3.888  -14.191 1.00 40.94 ? 40  ALA A O   1 
ATOM   330 C  CB  . ALA A 1 45 ? 2.675   -6.897  -13.859 1.00 23.88 ? 40  ALA A CB  1 
ATOM   331 N  N   . ARG A 1 46 ? 2.010   -3.940  -13.220 1.00 37.29 ? 41  ARG A N   1 
ATOM   332 C  CA  . ARG A 1 46 ? 1.663   -2.582  -13.624 1.00 32.35 ? 41  ARG A CA  1 
ATOM   333 C  C   . ARG A 1 46 ? 2.544   -1.563  -12.908 1.00 35.10 ? 41  ARG A C   1 
ATOM   334 O  O   . ARG A 1 46 ? 3.058   -0.632  -13.529 1.00 38.01 ? 41  ARG A O   1 
ATOM   335 C  CB  . ARG A 1 46 ? 0.186   -2.294  -13.344 1.00 36.69 ? 41  ARG A CB  1 
ATOM   336 C  CG  . ARG A 1 46 ? -0.213  -0.844  -13.584 1.00 38.44 ? 41  ARG A CG  1 
ATOM   337 C  CD  . ARG A 1 46 ? -1.699  -0.610  -13.333 1.00 46.21 ? 41  ARG A CD  1 
ATOM   338 N  NE  . ARG A 1 46 ? -2.543  -1.247  -14.340 1.00 53.56 ? 41  ARG A NE  1 
ATOM   339 C  CZ  . ARG A 1 46 ? -2.893  -0.678  -15.490 1.00 50.88 ? 41  ARG A CZ  1 
ATOM   340 N  NH1 . ARG A 1 46 ? -2.468  0.545   -15.784 1.00 50.52 ? 41  ARG A NH1 1 
ATOM   341 N  NH2 . ARG A 1 46 ? -3.665  -1.333  -16.348 1.00 41.59 ? 41  ARG A NH2 1 
ATOM   342 N  N   . ALA A 1 47 ? 2.724   -1.757  -11.603 1.00 34.65 ? 42  ALA A N   1 
ATOM   343 C  CA  . ALA A 1 47 ? 3.495   -0.829  -10.778 1.00 36.76 ? 42  ALA A CA  1 
ATOM   344 C  C   . ALA A 1 47 ? 4.943   -0.726  -11.246 1.00 36.11 ? 42  ALA A C   1 
ATOM   345 O  O   . ALA A 1 47 ? 5.629   0.261   -10.970 1.00 34.47 ? 42  ALA A O   1 
ATOM   346 C  CB  . ALA A 1 47 ? 3.443   -1.250  -9.316  1.00 31.60 ? 42  ALA A CB  1 
ATOM   347 N  N   . GLU A 1 48 ? 5.400   -1.754  -11.956 1.00 39.90 ? 43  GLU A N   1 
ATOM   348 C  CA  . GLU A 1 48 ? 6.743   -1.764  -12.520 1.00 42.38 ? 43  GLU A CA  1 
ATOM   349 C  C   . GLU A 1 48 ? 6.881   -0.655  -13.559 1.00 43.07 ? 43  GLU A C   1 
ATOM   350 O  O   . GLU A 1 48 ? 7.960   -0.097  -13.746 1.00 40.62 ? 43  GLU A O   1 
ATOM   351 C  CB  . GLU A 1 48 ? 7.058   -3.133  -13.138 1.00 44.60 ? 43  GLU A CB  1 
ATOM   352 C  CG  . GLU A 1 48 ? 8.459   -3.262  -13.738 1.00 62.32 ? 43  GLU A CG  1 
ATOM   353 C  CD  . GLU A 1 48 ? 9.562   -3.323  -12.686 1.00 66.27 ? 43  GLU A CD  1 
ATOM   354 O  OE1 . GLU A 1 48 ? 9.248   -3.543  -11.497 1.00 61.47 ? 43  GLU A OE1 1 
ATOM   355 O  OE2 . GLU A 1 48 ? 10.745  -3.152  -13.052 1.00 57.84 ? 43  GLU A OE2 1 
ATOM   356 N  N   . HIS A 1 49 ? 5.770   -0.321  -14.211 1.00 43.28 ? 44  HIS A N   1 
ATOM   357 C  CA  . HIS A 1 49 ? 5.758   0.711   -15.245 1.00 47.06 ? 44  HIS A CA  1 
ATOM   358 C  C   . HIS A 1 49 ? 5.458   2.098   -14.681 1.00 45.19 ? 44  HIS A C   1 
ATOM   359 O  O   . HIS A 1 49 ? 5.425   3.081   -15.423 1.00 49.71 ? 44  HIS A O   1 
ATOM   360 C  CB  . HIS A 1 49 ? 4.732   0.366   -16.328 1.00 49.42 ? 44  HIS A CB  1 
ATOM   361 C  CG  . HIS A 1 49 ? 5.055   -0.880  -17.089 1.00 61.75 ? 44  HIS A CG  1 
ATOM   362 N  ND1 . HIS A 1 49 ? 4.115   -1.567  -17.831 1.00 60.59 ? 44  HIS A ND1 1 
ATOM   363 C  CD2 . HIS A 1 49 ? 6.214   -1.566  -17.228 1.00 57.22 ? 44  HIS A CD2 1 
ATOM   364 C  CE1 . HIS A 1 49 ? 4.680   -2.620  -18.390 1.00 62.77 ? 44  HIS A CE1 1 
ATOM   365 N  NE2 . HIS A 1 49 ? 5.956   -2.645  -18.040 1.00 64.74 ? 44  HIS A NE2 1 
ATOM   366 N  N   . ILE A 1 50 ? 5.242   2.178   -13.372 1.00 42.21 ? 45  ILE A N   1 
ATOM   367 C  CA  . ILE A 1 50 ? 4.953   3.453   -12.722 1.00 36.51 ? 45  ILE A CA  1 
ATOM   368 C  C   . ILE A 1 50 ? 6.222   4.067   -12.127 1.00 36.44 ? 45  ILE A C   1 
ATOM   369 O  O   . ILE A 1 50 ? 6.856   3.479   -11.252 1.00 33.57 ? 45  ILE A O   1 
ATOM   370 C  CB  . ILE A 1 50 ? 3.893   3.294   -11.610 1.00 37.47 ? 45  ILE A CB  1 
ATOM   371 C  CG1 . ILE A 1 50 ? 2.623   2.647   -12.165 1.00 29.38 ? 45  ILE A CG1 1 
ATOM   372 C  CG2 . ILE A 1 50 ? 3.579   4.639   -10.975 1.00 35.04 ? 45  ILE A CG2 1 
ATOM   373 C  CD1 . ILE A 1 50 ? 1.534   2.455   -11.131 1.00 28.29 ? 45  ILE A CD1 1 
ATOM   374 N  N   . LYS A 1 51 ? 6.584   5.253   -12.610 1.00 36.42 ? 46  LYS A N   1 
ATOM   375 C  CA  . LYS A 1 51 ? 7.782   5.942   -12.137 1.00 36.99 ? 46  LYS A CA  1 
ATOM   376 C  C   . LYS A 1 51 ? 7.554   6.545   -10.753 1.00 34.87 ? 46  LYS A C   1 
ATOM   377 O  O   . LYS A 1 51 ? 8.297   6.267   -9.812  1.00 36.36 ? 46  LYS A O   1 
ATOM   378 C  CB  . LYS A 1 51 ? 8.203   7.028   -13.129 1.00 36.52 ? 46  LYS A CB  1 
ATOM   379 C  CG  . LYS A 1 51 ? 8.528   6.496   -14.516 1.00 40.01 ? 46  LYS A CG  1 
ATOM   380 C  CD  . LYS A 1 51 ? 8.880   7.614   -15.478 1.00 45.11 ? 46  LYS A CD  1 
ATOM   381 C  CE  . LYS A 1 51 ? 9.202   7.064   -16.861 1.00 53.21 ? 46  LYS A CE  1 
ATOM   382 N  NZ  . LYS A 1 51 ? 9.450   8.149   -17.853 1.00 61.51 ? 46  LYS A NZ  1 
ATOM   383 N  N   . GLN A 1 52 ? 6.521   7.374   -10.637 1.00 32.97 ? 47  GLN A N   1 
ATOM   384 C  CA  . GLN A 1 52 ? 6.143   7.962   -9.355  1.00 30.20 ? 47  GLN A CA  1 
ATOM   385 C  C   . GLN A 1 52 ? 4.643   7.822   -9.115  1.00 34.00 ? 47  GLN A C   1 
ATOM   386 O  O   . GLN A 1 52 ? 3.835   8.469   -9.785  1.00 34.49 ? 47  GLN A O   1 
ATOM   387 C  CB  . GLN A 1 52 ? 6.527   9.439   -9.297  1.00 32.32 ? 47  GLN A CB  1 
ATOM   388 C  CG  . GLN A 1 52 ? 8.002   9.734   -9.471  1.00 30.11 ? 47  GLN A CG  1 
ATOM   389 C  CD  . GLN A 1 52 ? 8.311   11.204  -9.255  1.00 34.03 ? 47  GLN A CD  1 
ATOM   390 O  OE1 . GLN A 1 52 ? 7.993   12.046  -10.095 1.00 42.76 ? 47  GLN A OE1 1 
ATOM   391 N  NE2 . GLN A 1 52 ? 8.922   11.521  -8.119  1.00 39.60 ? 47  GLN A NE2 1 
ATOM   392 N  N   . TYR A 1 53 ? 4.261   6.989   -8.154  1.00 26.57 ? 48  TYR A N   1 
ATOM   393 C  CA  . TYR A 1 53 ? 2.844   6.782   -7.908  1.00 27.47 ? 48  TYR A CA  1 
ATOM   394 C  C   . TYR A 1 53 ? 2.209   7.968   -7.196  1.00 27.35 ? 48  TYR A C   1 
ATOM   395 O  O   . TYR A 1 53 ? 2.741   8.483   -6.211  1.00 24.67 ? 48  TYR A O   1 
ATOM   396 C  CB  . TYR A 1 53 ? 2.597   5.511   -7.097  1.00 26.82 ? 48  TYR A CB  1 
ATOM   397 C  CG  . TYR A 1 53 ? 1.125   5.291   -6.844  1.00 27.08 ? 48  TYR A CG  1 
ATOM   398 C  CD1 . TYR A 1 53 ? 0.238   5.168   -7.905  1.00 26.00 ? 48  TYR A CD1 1 
ATOM   399 C  CD2 . TYR A 1 53 ? 0.616   5.229   -5.553  1.00 24.93 ? 48  TYR A CD2 1 
ATOM   400 C  CE1 . TYR A 1 53 ? -1.110  4.982   -7.692  1.00 24.94 ? 48  TYR A CE1 1 
ATOM   401 C  CE2 . TYR A 1 53 ? -0.741  5.037   -5.329  1.00 25.70 ? 48  TYR A CE2 1 
ATOM   402 C  CZ  . TYR A 1 53 ? -1.596  4.916   -6.406  1.00 26.77 ? 48  TYR A CZ  1 
ATOM   403 O  OH  . TYR A 1 53 ? -2.946  4.726   -6.217  1.00 26.41 ? 48  TYR A OH  1 
ATOM   404 N  N   . LYS A 1 54 ? 1.058   8.382   -7.710  1.00 26.69 ? 49  LYS A N   1 
ATOM   405 C  CA  . LYS A 1 54 ? 0.287   9.475   -7.139  1.00 26.62 ? 49  LYS A CA  1 
ATOM   406 C  C   . LYS A 1 54 ? -1.124  8.977   -6.847  1.00 28.32 ? 49  LYS A C   1 
ATOM   407 O  O   . LYS A 1 54 ? -1.862  8.607   -7.759  1.00 30.59 ? 49  LYS A O   1 
ATOM   408 C  CB  . LYS A 1 54 ? 0.275   10.666  -8.094  1.00 34.68 ? 49  LYS A CB  1 
ATOM   409 C  CG  . LYS A 1 54 ? -0.414  11.914  -7.587  1.00 33.88 ? 49  LYS A CG  1 
ATOM   410 C  CD  . LYS A 1 54 ? -0.029  13.098  -8.463  1.00 37.70 ? 49  LYS A CD  1 
ATOM   411 C  CE  . LYS A 1 54 ? -0.200  12.760  -9.939  1.00 42.51 ? 49  LYS A CE  1 
ATOM   412 N  NZ  . LYS A 1 54 ? 0.077   13.917  -10.837 1.00 43.68 ? 49  LYS A NZ  1 
ATOM   413 N  N   . CYS A 1 55 ? -1.479  8.954   -5.566  1.00 29.79 ? 50  CYS A N   1 
ATOM   414 C  CA  . CYS A 1 55 ? -2.732  8.364   -5.111  1.00 29.67 ? 50  CYS A CA  1 
ATOM   415 C  C   . CYS A 1 55 ? -3.928  9.149   -5.656  1.00 33.55 ? 50  CYS A C   1 
ATOM   416 O  O   . CYS A 1 55 ? -3.763  10.282  -6.105  1.00 36.84 ? 50  CYS A O   1 
ATOM   417 C  CB  . CYS A 1 55 ? -2.754  8.311   -3.576  1.00 24.06 ? 50  CYS A CB  1 
ATOM   418 S  SG  . CYS A 1 55 ? -3.065  9.889   -2.777  1.00 29.93 ? 50  CYS A SG  1 
ATOM   419 N  N   . PRO A 1 56 ? -5.132  8.538   -5.641  1.00 32.98 ? 51  PRO A N   1 
ATOM   420 C  CA  . PRO A 1 56 ? -6.353  9.195   -6.129  1.00 35.28 ? 51  PRO A CA  1 
ATOM   421 C  C   . PRO A 1 56 ? -6.589  10.584  -5.533  1.00 35.66 ? 51  PRO A C   1 
ATOM   422 O  O   . PRO A 1 56 ? -6.943  11.511  -6.263  1.00 40.52 ? 51  PRO A O   1 
ATOM   423 C  CB  . PRO A 1 56 ? -7.460  8.237   -5.687  1.00 33.42 ? 51  PRO A CB  1 
ATOM   424 C  CG  . PRO A 1 56 ? -6.808  6.908   -5.669  1.00 35.12 ? 51  PRO A CG  1 
ATOM   425 C  CD  . PRO A 1 56 ? -5.392  7.142   -5.237  1.00 27.93 ? 51  PRO A CD  1 
ATOM   426 N  N   . SER A 1 57 ? -6.394  10.721  -4.227  1.00 31.98 ? 52  SER A N   1 
ATOM   427 C  CA  . SER A 1 57 ? -6.620  11.992  -3.557  1.00 30.46 ? 52  SER A CA  1 
ATOM   428 C  C   . SER A 1 57 ? -5.674  13.081  -4.055  1.00 39.47 ? 52  SER A C   1 
ATOM   429 O  O   . SER A 1 57 ? -6.087  14.224  -4.262  1.00 43.47 ? 52  SER A O   1 
ATOM   430 C  CB  . SER A 1 57 ? -6.469  11.828  -2.047  1.00 32.34 ? 52  SER A CB  1 
ATOM   431 O  OG  . SER A 1 57 ? -6.651  13.073  -1.388  1.00 34.91 ? 52  SER A OG  1 
ATOM   432 N  N   . CYS A 1 58 ? -4.407  12.727  -4.245  1.00 38.18 ? 53  CYS A N   1 
ATOM   433 C  CA  . CYS A 1 58 ? -3.401  13.692  -4.679  1.00 35.57 ? 53  CYS A CA  1 
ATOM   434 C  C   . CYS A 1 58 ? -3.554  14.029  -6.157  1.00 37.88 ? 53  CYS A C   1 
ATOM   435 O  O   . CYS A 1 58 ? -3.110  15.080  -6.611  1.00 39.87 ? 53  CYS A O   1 
ATOM   436 C  CB  . CYS A 1 58 ? -1.992  13.162  -4.402  1.00 32.65 ? 53  CYS A CB  1 
ATOM   437 S  SG  . CYS A 1 58 ? -1.516  13.204  -2.664  1.00 36.51 ? 53  CYS A SG  1 
ATOM   438 N  N   . SER A 1 59 ? -4.198  13.136  -6.899  1.00 39.61 ? 54  SER A N   1 
ATOM   439 C  CA  . SER A 1 59 ? -4.384  13.331  -8.331  1.00 47.33 ? 54  SER A CA  1 
ATOM   440 C  C   . SER A 1 59 ? -5.541  14.281  -8.650  1.00 50.88 ? 54  SER A C   1 
ATOM   441 O  O   . SER A 1 59 ? -5.945  14.406  -9.805  1.00 57.34 ? 54  SER A O   1 
ATOM   442 C  CB  . SER A 1 59 ? -4.612  11.986  -9.026  1.00 41.40 ? 54  SER A CB  1 
ATOM   443 O  OG  . SER A 1 59 ? -3.489  11.134  -8.875  1.00 33.00 ? 54  SER A OG  1 
ATOM   444 N  N   . ASN A 1 60 ? -6.074  14.946  -7.630  1.00 50.82 ? 55  ASN A N   1 
ATOM   445 C  CA  . ASN A 1 60 ? -7.147  15.916  -7.830  1.00 52.96 ? 55  ASN A CA  1 
ATOM   446 C  C   . ASN A 1 60 ? -6.673  17.340  -7.558  1.00 54.68 ? 55  ASN A C   1 
ATOM   447 O  O   . ASN A 1 60 ? -5.502  17.563  -7.245  1.00 49.85 ? 55  ASN A O   1 
ATOM   448 C  CB  . ASN A 1 60 ? -8.348  15.582  -6.940  1.00 44.45 ? 55  ASN A CB  1 
ATOM   449 C  CG  . ASN A 1 60 ? -8.939  14.215  -7.244  1.00 51.63 ? 55  ASN A CG  1 
ATOM   450 O  OD1 . ASN A 1 60 ? -8.381  13.443  -8.028  1.00 51.77 ? 55  ASN A OD1 1 
ATOM   451 N  ND2 . ASN A 1 60 ? -10.069 13.908  -6.618  1.00 48.47 ? 55  ASN A ND2 1 
ATOM   452 N  N   . ALA B 2 1  ? 8.196   3.097   -9.095  1.00 25.66 ? 1   ALA P N   1 
ATOM   453 C  CA  . ALA B 2 1  ? 7.464   3.643   -7.959  1.00 24.25 ? 1   ALA P CA  1 
ATOM   454 C  C   . ALA B 2 1  ? 7.942   3.016   -6.656  1.00 26.87 ? 1   ALA P C   1 
ATOM   455 O  O   . ALA B 2 1  ? 8.609   1.982   -6.664  1.00 25.07 ? 1   ALA P O   1 
ATOM   456 C  CB  . ALA B 2 1  ? 5.964   3.425   -8.136  1.00 27.12 ? 1   ALA P CB  1 
ATOM   457 N  N   . ARG B 2 2  ? 7.599   3.645   -5.537  1.00 24.29 ? 2   ARG P N   1 
ATOM   458 C  CA  . ARG B 2 2  ? 7.961   3.103   -4.235  1.00 23.83 ? 2   ARG P CA  1 
ATOM   459 C  C   . ARG B 2 2  ? 6.991   1.999   -3.837  1.00 26.77 ? 2   ARG P C   1 
ATOM   460 O  O   . ARG B 2 2  ? 5.862   2.270   -3.433  1.00 27.34 ? 2   ARG P O   1 
ATOM   461 C  CB  . ARG B 2 2  ? 7.980   4.191   -3.165  1.00 21.97 ? 2   ARG P CB  1 
ATOM   462 C  CG  . ARG B 2 2  ? 8.500   3.680   -1.836  1.00 23.63 ? 2   ARG P CG  1 
ATOM   463 C  CD  . ARG B 2 2  ? 8.369   4.700   -0.729  1.00 24.64 ? 2   ARG P CD  1 
ATOM   464 N  NE  . ARG B 2 2  ? 9.021   4.227   0.488   1.00 27.54 ? 2   ARG P NE  1 
ATOM   465 C  CZ  . ARG B 2 2  ? 8.694   4.614   1.715   1.00 28.11 ? 2   ARG P CZ  1 
ATOM   466 N  NH1 . ARG B 2 2  ? 7.710   5.484   1.902   1.00 28.29 ? 2   ARG P NH1 1 
ATOM   467 N  NH2 . ARG B 2 2  ? 9.351   4.127   2.758   1.00 27.99 ? 2   ARG P NH2 1 
ATOM   468 N  N   . THR B 2 3  ? 7.435   0.752   -3.954  1.00 29.67 ? 3   THR P N   1 
ATOM   469 C  CA  . THR B 2 3  ? 6.580   -0.394  -3.665  1.00 27.12 ? 3   THR P CA  1 
ATOM   470 C  C   . THR B 2 3  ? 7.227   -1.347  -2.669  1.00 27.59 ? 3   THR P C   1 
ATOM   471 O  O   . THR B 2 3  ? 8.393   -1.189  -2.307  1.00 28.26 ? 3   THR P O   1 
ATOM   472 C  CB  . THR B 2 3  ? 6.243   -1.181  -4.944  1.00 27.48 ? 3   THR P CB  1 
ATOM   473 O  OG1 . THR B 2 3  ? 7.421   -1.839  -5.430  1.00 24.58 ? 3   THR P OG1 1 
ATOM   474 C  CG2 . THR B 2 3  ? 5.698   -0.250  -6.020  1.00 27.24 ? 3   THR P CG2 1 
HETATM 475 N  N   . MLY B 2 4  ? 6.462   -2.340  -2.230  1.00 26.86 ? 4   MLY P N   1 
HETATM 476 C  CA  . MLY B 2 4  ? 6.988   -3.384  -1.362  1.00 26.52 ? 4   MLY P CA  1 
HETATM 477 C  CB  . MLY B 2 4  ? 7.092   -2.892  0.084   1.00 23.98 ? 4   MLY P CB  1 
HETATM 478 C  CG  . MLY B 2 4  ? 5.749   -2.711  0.763   1.00 25.30 ? 4   MLY P CG  1 
HETATM 479 C  CD  . MLY B 2 4  ? 5.876   -2.217  2.194   1.00 21.17 ? 4   MLY P CD  1 
HETATM 480 C  CE  . MLY B 2 4  ? 4.492   -2.101  2.826   1.00 27.73 ? 4   MLY P CE  1 
HETATM 481 N  NZ  . MLY B 2 4  ? 4.513   -1.706  4.259   1.00 29.35 ? 4   MLY P NZ  1 
HETATM 482 C  CH1 . MLY B 2 4  ? 4.725   -0.253  4.302   1.00 24.38 ? 4   MLY P CH1 1 
HETATM 483 C  CH2 . MLY B 2 4  ? 3.158   -1.957  4.770   1.00 30.17 ? 4   MLY P CH2 1 
HETATM 484 C  C   . MLY B 2 4  ? 6.095   -4.616  -1.426  1.00 26.84 ? 4   MLY P C   1 
HETATM 485 O  O   . MLY B 2 4  ? 4.899   -4.516  -1.700  1.00 28.23 ? 4   MLY P O   1 
ATOM   486 N  N   . GLN B 2 5  ? 6.689   -5.777  -1.183  1.00 26.10 ? 5   GLN P N   1 
ATOM   487 C  CA  . GLN B 2 5  ? 5.941   -7.020  -1.061  1.00 26.46 ? 5   GLN P CA  1 
ATOM   488 C  C   . GLN B 2 5  ? 6.246   -7.627  0.301   1.00 26.66 ? 5   GLN P C   1 
ATOM   489 O  O   . GLN B 2 5  ? 7.410   -7.839  0.639   1.00 27.48 ? 5   GLN P O   1 
ATOM   490 C  CB  . GLN B 2 5  ? 6.305   -7.994  -2.187  1.00 25.40 ? 5   GLN P CB  1 
ATOM   491 C  CG  . GLN B 2 5  ? 5.596   -9.344  -2.110  1.00 30.27 ? 5   GLN P CG  1 
ATOM   492 C  CD  . GLN B 2 5  ? 4.203   -9.323  -2.714  1.00 26.11 ? 5   GLN P CD  1 
ATOM   493 O  OE1 . GLN B 2 5  ? 3.917   -8.543  -3.621  1.00 26.71 ? 5   GLN P OE1 1 
ATOM   494 N  NE2 . GLN B 2 5  ? 3.330   -10.191 -2.218  1.00 26.28 ? 5   GLN P NE2 1 
ATOM   495 N  N   . THR B 2 6  ? 5.208   -7.890  1.087   1.00 24.91 ? 6   THR P N   1 
ATOM   496 C  CA  . THR B 2 6  ? 5.403   -8.443  2.424   1.00 27.34 ? 6   THR P CA  1 
ATOM   497 C  C   . THR B 2 6  ? 5.747   -9.926  2.341   1.00 26.30 ? 6   THR P C   1 
ATOM   498 O  O   . THR B 2 6  ? 5.450   -10.587 1.345   1.00 27.74 ? 6   THR P O   1 
ATOM   499 C  CB  . THR B 2 6  ? 4.157   -8.248  3.312   1.00 28.76 ? 6   THR P CB  1 
ATOM   500 O  OG1 . THR B 2 6  ? 3.072   -9.043  2.812   1.00 25.64 ? 6   THR P OG1 1 
ATOM   501 C  CG2 . THR B 2 6  ? 3.748   -6.781  3.339   1.00 26.69 ? 6   THR P CG2 1 
ATOM   502 N  N   . ALA B 2 7  ? 6.379   -10.443 3.389   1.00 26.19 ? 7   ALA P N   1 
ATOM   503 C  CA  . ALA B 2 7  ? 6.790   -11.842 3.424   1.00 26.21 ? 7   ALA P CA  1 
ATOM   504 C  C   . ALA B 2 7  ? 5.610   -12.783 3.643   1.00 30.83 ? 7   ALA P C   1 
ATOM   505 O  O   . ALA B 2 7  ? 4.502   -12.349 3.962   1.00 28.35 ? 7   ALA P O   1 
ATOM   506 C  CB  . ALA B 2 7  ? 7.828   -12.051 4.511   1.00 28.66 ? 7   ALA P CB  1 
ATOM   507 N  N   . ARG B 2 8  ? 5.859   -14.077 3.476   1.00 31.58 ? 8   ARG P N   1 
ATOM   508 C  CA  . ARG B 2 8  ? 4.873   -15.092 3.823   1.00 36.02 ? 8   ARG P CA  1 
ATOM   509 C  C   . ARG B 2 8  ? 4.947   -15.408 5.316   1.00 40.51 ? 8   ARG P C   1 
ATOM   510 O  O   . ARG B 2 8  ? 5.781   -14.856 6.035   1.00 44.44 ? 8   ARG P O   1 
ATOM   511 C  CB  . ARG B 2 8  ? 5.087   -16.359 2.993   1.00 31.30 ? 8   ARG P CB  1 
ATOM   512 C  CG  . ARG B 2 8  ? 4.841   -16.165 1.508   1.00 28.74 ? 8   ARG P CG  1 
ATOM   513 C  CD  . ARG B 2 8  ? 5.384   -17.329 0.699   1.00 34.19 ? 8   ARG P CD  1 
ATOM   514 N  NE  . ARG B 2 8  ? 5.057   -17.203 -0.718  1.00 44.38 ? 8   ARG P NE  1 
ATOM   515 C  CZ  . ARG B 2 8  ? 4.021   -17.798 -1.303  1.00 49.27 ? 8   ARG P CZ  1 
ATOM   516 N  NH1 . ARG B 2 8  ? 3.210   -18.571 -0.593  1.00 46.15 ? 8   ARG P NH1 1 
ATOM   517 N  NH2 . ARG B 2 8  ? 3.799   -17.623 -2.599  1.00 44.81 ? 8   ARG P NH2 1 
ATOM   518 N  N   . LYS B 2 9  ? 4.077   -16.300 5.778   1.00 43.49 ? 9   LYS P N   1 
ATOM   519 C  CA  . LYS B 2 9  ? 4.003   -16.633 7.198   1.00 48.53 ? 9   LYS P CA  1 
ATOM   520 C  C   . LYS B 2 9  ? 5.067   -17.649 7.616   1.00 45.41 ? 9   LYS P C   1 
ATOM   521 O  O   . LYS B 2 9  ? 5.357   -18.601 6.892   1.00 49.68 ? 9   LYS P O   1 
ATOM   522 C  CB  . LYS B 2 9  ? 2.608   -17.161 7.537   1.00 50.70 ? 9   LYS P CB  1 
ATOM   523 C  CG  . LYS B 2 9  ? 1.505   -16.149 7.263   1.00 56.79 ? 9   LYS P CG  1 
ATOM   524 C  CD  . LYS B 2 9  ? 0.121   -16.754 7.401   1.00 52.19 ? 9   LYS P CD  1 
ATOM   525 C  CE  . LYS B 2 9  ? -0.953  -15.718 7.105   1.00 60.43 ? 9   LYS P CE  1 
ATOM   526 N  NZ  . LYS B 2 9  ? -2.332  -16.266 7.245   1.00 57.51 ? 9   LYS P NZ  1 
HETATM 527 ZN ZN  . ZN  C 3 .  ? -6.136  -1.562  1.705   1.00 32.84 ? 101 ZN  A ZN  1 
HETATM 528 ZN ZN  . ZN  D 3 .  ? -1.161  10.932  -2.139  1.00 30.18 ? 102 ZN  A ZN  1 
HETATM 529 O  O   . HOH E 4 .  ? 6.546   7.273   -2.085  1.00 29.52 ? 201 HOH A O   1 
HETATM 530 O  O   . HOH E 4 .  ? -0.699  -6.458  10.428  1.00 47.89 ? 202 HOH A O   1 
HETATM 531 O  O   . HOH E 4 .  ? 5.200   2.907   7.367   1.00 45.51 ? 203 HOH A O   1 
HETATM 532 O  O   . HOH E 4 .  ? -3.751  -6.412  5.300   1.00 29.28 ? 204 HOH A O   1 
HETATM 533 O  O   . HOH E 4 .  ? -0.704  4.936   4.651   1.00 28.87 ? 205 HOH A O   1 
HETATM 534 O  O   . HOH E 4 .  ? 3.336   2.523   13.069  1.00 33.13 ? 206 HOH A O   1 
HETATM 535 O  O   . HOH E 4 .  ? 6.112   -3.991  -8.891  1.00 47.86 ? 207 HOH A O   1 
HETATM 536 O  O   . HOH E 4 .  ? -8.991  11.416  -9.510  1.00 37.39 ? 208 HOH A O   1 
HETATM 537 O  O   . HOH E 4 .  ? 9.029   6.600   -7.223  1.00 25.63 ? 209 HOH A O   1 
HETATM 538 O  O   . HOH E 4 .  ? 5.704   5.777   -5.730  1.00 23.24 ? 210 HOH A O   1 
HETATM 539 O  O   . HOH E 4 .  ? 5.996   -13.252 -0.295  1.00 25.49 ? 211 HOH A O   1 
HETATM 540 O  O   . HOH E 4 .  ? -1.507  -8.506  -2.355  1.00 36.87 ? 212 HOH A O   1 
HETATM 541 O  O   . HOH E 4 .  ? -11.575 -1.980  5.898   1.00 36.23 ? 213 HOH A O   1 
HETATM 542 O  O   . HOH E 4 .  ? -2.490  -6.043  -2.201  1.00 29.84 ? 214 HOH A O   1 
HETATM 543 O  O   . HOH E 4 .  ? -9.699  -7.915  14.683  1.00 42.92 ? 215 HOH A O   1 
HETATM 544 O  O   . HOH E 4 .  ? -3.038  -3.340  -12.318 1.00 36.04 ? 216 HOH A O   1 
HETATM 545 O  O   . HOH E 4 .  ? -10.920 -0.606  -5.425  0.50 28.49 ? 217 HOH A O   1 
HETATM 546 O  O   . HOH E 4 .  ? 1.030   -5.034  11.114  1.00 45.75 ? 218 HOH A O   1 
HETATM 547 O  O   . HOH E 4 .  ? -10.617 3.995   5.524   1.00 41.65 ? 219 HOH A O   1 
HETATM 548 O  O   . HOH E 4 .  ? 6.901   4.066   5.453   1.00 35.19 ? 220 HOH A O   1 
HETATM 549 O  O   . HOH E 4 .  ? 7.702   14.770  -4.615  1.00 35.47 ? 221 HOH A O   1 
HETATM 550 O  O   . HOH E 4 .  ? -8.632  8.219   -1.923  0.50 33.52 ? 222 HOH A O   1 
HETATM 551 O  O   . HOH E 4 .  ? -9.238  5.884   -2.850  0.50 40.87 ? 223 HOH A O   1 
HETATM 552 O  O   . HOH F 4 .  ? 5.392   -8.329  -5.766  1.00 28.10 ? 101 HOH P O   1 
HETATM 553 O  O   . HOH F 4 .  ? 4.728   -19.604 4.509   1.00 43.49 ? 102 HOH P O   1 
HETATM 554 O  O   . HOH F 4 .  ? 7.014   -8.719  5.442   1.00 26.73 ? 103 HOH P O   1 
HETATM 555 O  O   . HOH F 4 .  ? 7.948   0.353   -9.372  1.00 27.39 ? 104 HOH P O   1 
HETATM 556 O  O   . HOH F 4 .  ? 8.090   -2.308  -8.190  1.00 30.68 ? 105 HOH P O   1 
HETATM 557 O  O   . HOH F 4 .  ? 11.839  3.040   0.676   1.00 34.13 ? 106 HOH P O   1 
HETATM 558 O  O   . HOH F 4 .  ? 5.650   -4.141  5.893   1.00 36.58 ? 107 HOH P O   1 
HETATM 559 O  O   . HOH F 4 .  ? 12.693  4.223   3.403   1.00 48.41 ? 108 HOH P O   1 
HETATM 560 O  O   . HOH F 4 .  ? 11.237  7.562   -0.167  1.00 28.77 ? 109 HOH P O   1 
# 
loop_
_pdbx_poly_seq_scheme.asym_id 
_pdbx_poly_seq_scheme.entity_id 
_pdbx_poly_seq_scheme.seq_id 
_pdbx_poly_seq_scheme.mon_id 
_pdbx_poly_seq_scheme.ndb_seq_num 
_pdbx_poly_seq_scheme.pdb_seq_num 
_pdbx_poly_seq_scheme.auth_seq_num 
_pdbx_poly_seq_scheme.pdb_mon_id 
_pdbx_poly_seq_scheme.auth_mon_id 
_pdbx_poly_seq_scheme.pdb_strand_id 
_pdbx_poly_seq_scheme.pdb_ins_code 
_pdbx_poly_seq_scheme.hetero 
A 1 1  GLY 1  -4 -4 GLY GLY A . n 
A 1 2  PRO 2  -3 -3 PRO PRO A . n 
A 1 3  LEU 3  -2 -2 LEU LEU A . n 
A 1 4  GLY 4  -1 -1 GLY GLY A . n 
A 1 5  SER 5  0  0  SER SER A . n 
A 1 6  ASP 6  1  1  ASP ASP A . n 
A 1 7  HIS 7  2  2  HIS HIS A . n 
A 1 8  GLY 8  3  3  GLY GLY A . n 
A 1 9  GLU 9  4  4  GLU GLU A . n 
A 1 10 THR 10 5  5  THR THR A . n 
A 1 11 LEU 11 6  6  LEU LEU A . n 
A 1 12 CYS 12 7  7  CYS CYS A . n 
A 1 13 GLY 13 8  8  GLY GLY A . n 
A 1 14 ALA 14 9  9  ALA ALA A . n 
A 1 15 CYS 15 10 10 CYS CYS A . n 
A 1 16 GLY 16 11 11 GLY GLY A . n 
A 1 17 ASP 17 12 12 ASP ASP A . n 
A 1 18 SER 18 13 13 SER SER A . n 
A 1 19 ASP 19 14 14 ASP ASP A . n 
A 1 20 GLY 20 15 15 GLY GLY A . n 
A 1 21 ALA 21 16 16 ALA ALA A . n 
A 1 22 ASP 22 17 17 ASP ASP A . n 
A 1 23 GLU 23 18 18 GLU GLU A . n 
A 1 24 PHE 24 19 19 PHE PHE A . n 
A 1 25 TRP 25 20 20 TRP TRP A . n 
A 1 26 ILE 26 21 21 ILE ILE A . n 
A 1 27 CYS 27 22 22 CYS CYS A . n 
A 1 28 CYS 28 23 23 CYS CYS A . n 
A 1 29 ASP 29 24 24 ASP ASP A . n 
A 1 30 LEU 30 25 25 LEU LEU A . n 
A 1 31 CYS 31 26 26 CYS CYS A . n 
A 1 32 GLU 32 27 27 GLU GLU A . n 
A 1 33 LYS 33 28 28 LYS LYS A . n 
A 1 34 TRP 34 29 29 TRP TRP A . n 
A 1 35 PHE 35 30 30 PHE PHE A . n 
A 1 36 HIS 36 31 31 HIS HIS A . n 
A 1 37 GLY 37 32 32 GLY GLY A . n 
A 1 38 LYS 38 33 33 LYS LYS A . n 
A 1 39 CYS 39 34 34 CYS CYS A . n 
A 1 40 VAL 40 35 35 VAL VAL A . n 
A 1 41 LYS 41 36 36 LYS LYS A . n 
A 1 42 ILE 42 37 37 ILE ILE A . n 
A 1 43 THR 43 38 38 THR THR A . n 
A 1 44 PRO 44 39 39 PRO PRO A . n 
A 1 45 ALA 45 40 40 ALA ALA A . n 
A 1 46 ARG 46 41 41 ARG ARG A . n 
A 1 47 ALA 47 42 42 ALA ALA A . n 
A 1 48 GLU 48 43 43 GLU GLU A . n 
A 1 49 HIS 49 44 44 HIS HIS A . n 
A 1 50 ILE 50 45 45 ILE ILE A . n 
A 1 51 LYS 51 46 46 LYS LYS A . n 
A 1 52 GLN 52 47 47 GLN GLN A . n 
A 1 53 TYR 53 48 48 TYR TYR A . n 
A 1 54 LYS 54 49 49 LYS LYS A . n 
A 1 55 CYS 55 50 50 CYS CYS A . n 
A 1 56 PRO 56 51 51 PRO PRO A . n 
A 1 57 SER 57 52 52 SER SER A . n 
A 1 58 CYS 58 53 53 CYS CYS A . n 
A 1 59 SER 59 54 54 SER SER A . n 
A 1 60 ASN 60 55 55 ASN ASN A . n 
B 2 1  ALA 1  1  1  ALA ALA P . n 
B 2 2  ARG 2  2  2  ARG ARG P . n 
B 2 3  THR 3  3  3  THR THR P . n 
B 2 4  MLY 4  4  4  MLY MLY P . n 
B 2 5  GLN 5  5  5  GLN GLN P . n 
B 2 6  THR 6  6  6  THR THR P . n 
B 2 7  ALA 7  7  7  ALA ALA P . n 
B 2 8  ARG 8  8  8  ARG ARG P . n 
B 2 9  LYS 9  9  9  LYS LYS P . n 
# 
loop_
_pdbx_nonpoly_scheme.asym_id 
_pdbx_nonpoly_scheme.entity_id 
_pdbx_nonpoly_scheme.mon_id 
_pdbx_nonpoly_scheme.ndb_seq_num 
_pdbx_nonpoly_scheme.pdb_seq_num 
_pdbx_nonpoly_scheme.auth_seq_num 
_pdbx_nonpoly_scheme.pdb_mon_id 
_pdbx_nonpoly_scheme.auth_mon_id 
_pdbx_nonpoly_scheme.pdb_strand_id 
_pdbx_nonpoly_scheme.pdb_ins_code 
C 3 ZN  1  101 1  ZN  ZN  A . 
D 3 ZN  1  102 2  ZN  ZN  A . 
E 4 HOH 1  201 31 HOH HOH A . 
E 4 HOH 2  202 20 HOH HOH A . 
E 4 HOH 3  203 22 HOH HOH A . 
E 4 HOH 4  204 12 HOH HOH A . 
E 4 HOH 5  205 9  HOH HOH A . 
E 4 HOH 6  206 13 HOH HOH A . 
E 4 HOH 7  207 25 HOH HOH A . 
E 4 HOH 8  208 14 HOH HOH A . 
E 4 HOH 9  209 1  HOH HOH A . 
E 4 HOH 10 210 2  HOH HOH A . 
E 4 HOH 11 211 7  HOH HOH A . 
E 4 HOH 12 212 5  HOH HOH A . 
E 4 HOH 13 213 23 HOH HOH A . 
E 4 HOH 14 214 3  HOH HOH A . 
E 4 HOH 15 215 32 HOH HOH A . 
E 4 HOH 16 216 4  HOH HOH A . 
E 4 HOH 17 217 8  HOH HOH A . 
E 4 HOH 18 218 29 HOH HOH A . 
E 4 HOH 19 219 19 HOH HOH A . 
E 4 HOH 20 220 28 HOH HOH A . 
E 4 HOH 21 221 30 HOH HOH A . 
E 4 HOH 22 222 26 HOH HOH A . 
E 4 HOH 23 223 27 HOH HOH A . 
F 4 HOH 1  101 6  HOH HOH P . 
F 4 HOH 2  102 21 HOH HOH P . 
F 4 HOH 3  103 15 HOH HOH P . 
F 4 HOH 4  104 10 HOH HOH P . 
F 4 HOH 5  105 11 HOH HOH P . 
F 4 HOH 6  106 17 HOH HOH P . 
F 4 HOH 7  107 18 HOH HOH P . 
F 4 HOH 8  108 24 HOH HOH P . 
F 4 HOH 9  109 16 HOH HOH P . 
# 
_pdbx_struct_assembly.id                   1 
_pdbx_struct_assembly.details              author_and_software_defined_assembly 
_pdbx_struct_assembly.method_details       PISA 
_pdbx_struct_assembly.oligomeric_details   dimeric 
_pdbx_struct_assembly.oligomeric_count     2 
# 
_pdbx_struct_assembly_gen.assembly_id       1 
_pdbx_struct_assembly_gen.oper_expression   1 
_pdbx_struct_assembly_gen.asym_id_list      A,B,C,D,E,F 
# 
loop_
_pdbx_struct_assembly_prop.biol_id 
_pdbx_struct_assembly_prop.type 
_pdbx_struct_assembly_prop.value 
_pdbx_struct_assembly_prop.details 
1 'ABSA (A^2)' 1190 ? 
1 MORE         -8   ? 
1 'SSA (A^2)'  5370 ? 
# 
_pdbx_struct_oper_list.id                   1 
_pdbx_struct_oper_list.type                 'identity operation' 
_pdbx_struct_oper_list.name                 1_555 
_pdbx_struct_oper_list.symmetry_operation   x,y,z 
_pdbx_struct_oper_list.matrix[1][1]         1.0000000000 
_pdbx_struct_oper_list.matrix[1][2]         0.0000000000 
_pdbx_struct_oper_list.matrix[1][3]         0.0000000000 
_pdbx_struct_oper_list.vector[1]            0.0000000000 
_pdbx_struct_oper_list.matrix[2][1]         0.0000000000 
_pdbx_struct_oper_list.matrix[2][2]         1.0000000000 
_pdbx_struct_oper_list.matrix[2][3]         0.0000000000 
_pdbx_struct_oper_list.vector[2]            0.0000000000 
_pdbx_struct_oper_list.matrix[3][1]         0.0000000000 
_pdbx_struct_oper_list.matrix[3][2]         0.0000000000 
_pdbx_struct_oper_list.matrix[3][3]         1.0000000000 
_pdbx_struct_oper_list.vector[3]            0.0000000000 
# 
loop_
_pdbx_struct_special_symmetry.id 
_pdbx_struct_special_symmetry.PDB_model_num 
_pdbx_struct_special_symmetry.auth_asym_id 
_pdbx_struct_special_symmetry.auth_comp_id 
_pdbx_struct_special_symmetry.auth_seq_id 
_pdbx_struct_special_symmetry.PDB_ins_code 
_pdbx_struct_special_symmetry.label_asym_id 
_pdbx_struct_special_symmetry.label_comp_id 
_pdbx_struct_special_symmetry.label_seq_id 
1 1 A HOH 217 ? E HOH . 
2 1 A HOH 222 ? E HOH . 
3 1 A HOH 223 ? E HOH . 
# 
loop_
_pdbx_struct_conn_angle.id 
_pdbx_struct_conn_angle.ptnr1_label_atom_id 
_pdbx_struct_conn_angle.ptnr1_label_alt_id 
_pdbx_struct_conn_angle.ptnr1_label_asym_id 
_pdbx_struct_conn_angle.ptnr1_label_comp_id 
_pdbx_struct_conn_angle.ptnr1_label_seq_id 
_pdbx_struct_conn_angle.ptnr1_auth_atom_id 
_pdbx_struct_conn_angle.ptnr1_auth_asym_id 
_pdbx_struct_conn_angle.ptnr1_auth_comp_id 
_pdbx_struct_conn_angle.ptnr1_auth_seq_id 
_pdbx_struct_conn_angle.ptnr1_PDB_ins_code 
_pdbx_struct_conn_angle.ptnr1_symmetry 
_pdbx_struct_conn_angle.ptnr2_label_atom_id 
_pdbx_struct_conn_angle.ptnr2_label_alt_id 
_pdbx_struct_conn_angle.ptnr2_label_asym_id 
_pdbx_struct_conn_angle.ptnr2_label_comp_id 
_pdbx_struct_conn_angle.ptnr2_label_seq_id 
_pdbx_struct_conn_angle.ptnr2_auth_atom_id 
_pdbx_struct_conn_angle.ptnr2_auth_asym_id 
_pdbx_struct_conn_angle.ptnr2_auth_comp_id 
_pdbx_struct_conn_angle.ptnr2_auth_seq_id 
_pdbx_struct_conn_angle.ptnr2_PDB_ins_code 
_pdbx_struct_conn_angle.ptnr2_symmetry 
_pdbx_struct_conn_angle.ptnr3_label_atom_id 
_pdbx_struct_conn_angle.ptnr3_label_alt_id 
_pdbx_struct_conn_angle.ptnr3_label_asym_id 
_pdbx_struct_conn_angle.ptnr3_label_comp_id 
_pdbx_struct_conn_angle.ptnr3_label_seq_id 
_pdbx_struct_conn_angle.ptnr3_auth_atom_id 
_pdbx_struct_conn_angle.ptnr3_auth_asym_id 
_pdbx_struct_conn_angle.ptnr3_auth_comp_id 
_pdbx_struct_conn_angle.ptnr3_auth_seq_id 
_pdbx_struct_conn_angle.ptnr3_PDB_ins_code 
_pdbx_struct_conn_angle.ptnr3_symmetry 
_pdbx_struct_conn_angle.value 
_pdbx_struct_conn_angle.value_esd 
1  SG  ? A CYS 12 ? A CYS 7  ? 1_555 ZN ? C ZN . ? A ZN 101 ? 1_555 SG  ? A CYS 15 ? A CYS 10 ? 1_555 107.5 ? 
2  SG  ? A CYS 12 ? A CYS 7  ? 1_555 ZN ? C ZN . ? A ZN 101 ? 1_555 ND1 ? A HIS 36 ? A HIS 31 ? 1_555 102.7 ? 
3  SG  ? A CYS 15 ? A CYS 10 ? 1_555 ZN ? C ZN . ? A ZN 101 ? 1_555 ND1 ? A HIS 36 ? A HIS 31 ? 1_555 100.9 ? 
4  SG  ? A CYS 12 ? A CYS 7  ? 1_555 ZN ? C ZN . ? A ZN 101 ? 1_555 SG  ? A CYS 39 ? A CYS 34 ? 1_555 117.1 ? 
5  SG  ? A CYS 15 ? A CYS 10 ? 1_555 ZN ? C ZN . ? A ZN 101 ? 1_555 SG  ? A CYS 39 ? A CYS 34 ? 1_555 109.2 ? 
6  ND1 ? A HIS 36 ? A HIS 31 ? 1_555 ZN ? C ZN . ? A ZN 101 ? 1_555 SG  ? A CYS 39 ? A CYS 34 ? 1_555 118.0 ? 
7  SG  ? A CYS 28 ? A CYS 23 ? 1_555 ZN ? D ZN . ? A ZN 102 ? 1_555 SG  ? A CYS 31 ? A CYS 26 ? 1_555 108.3 ? 
8  SG  ? A CYS 28 ? A CYS 23 ? 1_555 ZN ? D ZN . ? A ZN 102 ? 1_555 SG  ? A CYS 55 ? A CYS 50 ? 1_555 109.7 ? 
9  SG  ? A CYS 31 ? A CYS 26 ? 1_555 ZN ? D ZN . ? A ZN 102 ? 1_555 SG  ? A CYS 55 ? A CYS 50 ? 1_555 113.3 ? 
10 SG  ? A CYS 28 ? A CYS 23 ? 1_555 ZN ? D ZN . ? A ZN 102 ? 1_555 SG  ? A CYS 58 ? A CYS 53 ? 1_555 110.1 ? 
11 SG  ? A CYS 31 ? A CYS 26 ? 1_555 ZN ? D ZN . ? A ZN 102 ? 1_555 SG  ? A CYS 58 ? A CYS 53 ? 1_555 110.8 ? 
12 SG  ? A CYS 55 ? A CYS 50 ? 1_555 ZN ? D ZN . ? A ZN 102 ? 1_555 SG  ? A CYS 58 ? A CYS 53 ? 1_555 104.7 ? 
# 
loop_
_pdbx_audit_revision_history.ordinal 
_pdbx_audit_revision_history.data_content_type 
_pdbx_audit_revision_history.major_revision 
_pdbx_audit_revision_history.minor_revision 
_pdbx_audit_revision_history.revision_date 
1 'Structure model' 1 0 2018-01-24 
2 'Structure model' 1 1 2019-12-25 
3 'Structure model' 1 2 2023-11-22 
# 
_pdbx_audit_revision_details.ordinal             1 
_pdbx_audit_revision_details.revision_ordinal    1 
_pdbx_audit_revision_details.data_content_type   'Structure model' 
_pdbx_audit_revision_details.provider            repository 
_pdbx_audit_revision_details.type                'Initial release' 
_pdbx_audit_revision_details.description         ? 
_pdbx_audit_revision_details.details             ? 
# 
loop_
_pdbx_audit_revision_group.ordinal 
_pdbx_audit_revision_group.revision_ordinal 
_pdbx_audit_revision_group.data_content_type 
_pdbx_audit_revision_group.group 
1 2 'Structure model' 'Database references'    
2 3 'Structure model' 'Data collection'        
3 3 'Structure model' 'Database references'    
4 3 'Structure model' 'Derived calculations'   
5 3 'Structure model' 'Refinement description' 
# 
loop_
_pdbx_audit_revision_category.ordinal 
_pdbx_audit_revision_category.revision_ordinal 
_pdbx_audit_revision_category.data_content_type 
_pdbx_audit_revision_category.category 
1 2 'Structure model' citation                      
2 2 'Structure model' citation_author               
3 3 'Structure model' chem_comp_atom                
4 3 'Structure model' chem_comp_bond                
5 3 'Structure model' database_2                    
6 3 'Structure model' pdbx_initial_refinement_model 
7 3 'Structure model' struct_conn                   
8 3 'Structure model' struct_conn_type              
# 
loop_
_pdbx_audit_revision_item.ordinal 
_pdbx_audit_revision_item.revision_ordinal 
_pdbx_audit_revision_item.data_content_type 
_pdbx_audit_revision_item.item 
1  2 'Structure model' '_citation.journal_volume'            
2  2 'Structure model' '_citation.page_first'                
3  2 'Structure model' '_citation.page_last'                 
4  2 'Structure model' '_citation.pdbx_database_id_PubMed'   
5  2 'Structure model' '_citation.title'                     
6  3 'Structure model' '_database_2.pdbx_DOI'                
7  3 'Structure model' '_database_2.pdbx_database_accession' 
8  3 'Structure model' '_struct_conn.conn_type_id'           
9  3 'Structure model' '_struct_conn.id'                     
10 3 'Structure model' '_struct_conn.pdbx_dist_value'        
11 3 'Structure model' '_struct_conn.pdbx_leaving_atom_flag' 
12 3 'Structure model' '_struct_conn.ptnr1_auth_asym_id'     
13 3 'Structure model' '_struct_conn.ptnr1_auth_comp_id'     
14 3 'Structure model' '_struct_conn.ptnr1_auth_seq_id'      
15 3 'Structure model' '_struct_conn.ptnr1_label_asym_id'    
16 3 'Structure model' '_struct_conn.ptnr1_label_atom_id'    
17 3 'Structure model' '_struct_conn.ptnr1_label_comp_id'    
18 3 'Structure model' '_struct_conn.ptnr1_label_seq_id'     
19 3 'Structure model' '_struct_conn.ptnr2_auth_asym_id'     
20 3 'Structure model' '_struct_conn.ptnr2_auth_comp_id'     
21 3 'Structure model' '_struct_conn.ptnr2_auth_seq_id'      
22 3 'Structure model' '_struct_conn.ptnr2_label_asym_id'    
23 3 'Structure model' '_struct_conn.ptnr2_label_atom_id'    
24 3 'Structure model' '_struct_conn.ptnr2_label_comp_id'    
25 3 'Structure model' '_struct_conn.ptnr2_label_seq_id'     
26 3 'Structure model' '_struct_conn_type.id'                
# 
loop_
_software.citation_id 
_software.classification 
_software.compiler_name 
_software.compiler_version 
_software.contact_author 
_software.contact_author_email 
_software.date 
_software.description 
_software.dependencies 
_software.hardware 
_software.language 
_software.location 
_software.mods 
_software.name 
_software.os 
_software.os_version 
_software.type 
_software.version 
_software.pdbx_ordinal 
? 'data scaling'    ? ? ? ? ? ? ? ? ? ? ? HKL-2000    ? ? ? .                           1 
? refinement        ? ? ? ? ? ? ? ? ? ? ? PHENIX      ? ? ? '(phenix.refine: 1.9_1692)' 2 
? 'data extraction' ? ? ? ? ? ? ? ? ? ? ? PDB_EXTRACT ? ? ? 3.22                        3 
? 'data reduction'  ? ? ? ? ? ? ? ? ? ? ? HKL-2000    ? ? ? .                           4 
? phasing           ? ? ? ? ? ? ? ? ? ? ? MOLREP      ? ? ? .                           5 
# 
loop_
_chem_comp_atom.comp_id 
_chem_comp_atom.atom_id 
_chem_comp_atom.type_symbol 
_chem_comp_atom.pdbx_aromatic_flag 
_chem_comp_atom.pdbx_stereo_config 
_chem_comp_atom.pdbx_ordinal 
ALA N    N  N N 1   
ALA CA   C  N S 2   
ALA C    C  N N 3   
ALA O    O  N N 4   
ALA CB   C  N N 5   
ALA OXT  O  N N 6   
ALA H    H  N N 7   
ALA H2   H  N N 8   
ALA HA   H  N N 9   
ALA HB1  H  N N 10  
ALA HB2  H  N N 11  
ALA HB3  H  N N 12  
ALA HXT  H  N N 13  
ARG N    N  N N 14  
ARG CA   C  N S 15  
ARG C    C  N N 16  
ARG O    O  N N 17  
ARG CB   C  N N 18  
ARG CG   C  N N 19  
ARG CD   C  N N 20  
ARG NE   N  N N 21  
ARG CZ   C  N N 22  
ARG NH1  N  N N 23  
ARG NH2  N  N N 24  
ARG OXT  O  N N 25  
ARG H    H  N N 26  
ARG H2   H  N N 27  
ARG HA   H  N N 28  
ARG HB2  H  N N 29  
ARG HB3  H  N N 30  
ARG HG2  H  N N 31  
ARG HG3  H  N N 32  
ARG HD2  H  N N 33  
ARG HD3  H  N N 34  
ARG HE   H  N N 35  
ARG HH11 H  N N 36  
ARG HH12 H  N N 37  
ARG HH21 H  N N 38  
ARG HH22 H  N N 39  
ARG HXT  H  N N 40  
ASN N    N  N N 41  
ASN CA   C  N S 42  
ASN C    C  N N 43  
ASN O    O  N N 44  
ASN CB   C  N N 45  
ASN CG   C  N N 46  
ASN OD1  O  N N 47  
ASN ND2  N  N N 48  
ASN OXT  O  N N 49  
ASN H    H  N N 50  
ASN H2   H  N N 51  
ASN HA   H  N N 52  
ASN HB2  H  N N 53  
ASN HB3  H  N N 54  
ASN HD21 H  N N 55  
ASN HD22 H  N N 56  
ASN HXT  H  N N 57  
ASP N    N  N N 58  
ASP CA   C  N S 59  
ASP C    C  N N 60  
ASP O    O  N N 61  
ASP CB   C  N N 62  
ASP CG   C  N N 63  
ASP OD1  O  N N 64  
ASP OD2  O  N N 65  
ASP OXT  O  N N 66  
ASP H    H  N N 67  
ASP H2   H  N N 68  
ASP HA   H  N N 69  
ASP HB2  H  N N 70  
ASP HB3  H  N N 71  
ASP HD2  H  N N 72  
ASP HXT  H  N N 73  
CYS N    N  N N 74  
CYS CA   C  N R 75  
CYS C    C  N N 76  
CYS O    O  N N 77  
CYS CB   C  N N 78  
CYS SG   S  N N 79  
CYS OXT  O  N N 80  
CYS H    H  N N 81  
CYS H2   H  N N 82  
CYS HA   H  N N 83  
CYS HB2  H  N N 84  
CYS HB3  H  N N 85  
CYS HG   H  N N 86  
CYS HXT  H  N N 87  
GLN N    N  N N 88  
GLN CA   C  N S 89  
GLN C    C  N N 90  
GLN O    O  N N 91  
GLN CB   C  N N 92  
GLN CG   C  N N 93  
GLN CD   C  N N 94  
GLN OE1  O  N N 95  
GLN NE2  N  N N 96  
GLN OXT  O  N N 97  
GLN H    H  N N 98  
GLN H2   H  N N 99  
GLN HA   H  N N 100 
GLN HB2  H  N N 101 
GLN HB3  H  N N 102 
GLN HG2  H  N N 103 
GLN HG3  H  N N 104 
GLN HE21 H  N N 105 
GLN HE22 H  N N 106 
GLN HXT  H  N N 107 
GLU N    N  N N 108 
GLU CA   C  N S 109 
GLU C    C  N N 110 
GLU O    O  N N 111 
GLU CB   C  N N 112 
GLU CG   C  N N 113 
GLU CD   C  N N 114 
GLU OE1  O  N N 115 
GLU OE2  O  N N 116 
GLU OXT  O  N N 117 
GLU H    H  N N 118 
GLU H2   H  N N 119 
GLU HA   H  N N 120 
GLU HB2  H  N N 121 
GLU HB3  H  N N 122 
GLU HG2  H  N N 123 
GLU HG3  H  N N 124 
GLU HE2  H  N N 125 
GLU HXT  H  N N 126 
GLY N    N  N N 127 
GLY CA   C  N N 128 
GLY C    C  N N 129 
GLY O    O  N N 130 
GLY OXT  O  N N 131 
GLY H    H  N N 132 
GLY H2   H  N N 133 
GLY HA2  H  N N 134 
GLY HA3  H  N N 135 
GLY HXT  H  N N 136 
HIS N    N  N N 137 
HIS CA   C  N S 138 
HIS C    C  N N 139 
HIS O    O  N N 140 
HIS CB   C  N N 141 
HIS CG   C  Y N 142 
HIS ND1  N  Y N 143 
HIS CD2  C  Y N 144 
HIS CE1  C  Y N 145 
HIS NE2  N  Y N 146 
HIS OXT  O  N N 147 
HIS H    H  N N 148 
HIS H2   H  N N 149 
HIS HA   H  N N 150 
HIS HB2  H  N N 151 
HIS HB3  H  N N 152 
HIS HD1  H  N N 153 
HIS HD2  H  N N 154 
HIS HE1  H  N N 155 
HIS HE2  H  N N 156 
HIS HXT  H  N N 157 
HOH O    O  N N 158 
HOH H1   H  N N 159 
HOH H2   H  N N 160 
ILE N    N  N N 161 
ILE CA   C  N S 162 
ILE C    C  N N 163 
ILE O    O  N N 164 
ILE CB   C  N S 165 
ILE CG1  C  N N 166 
ILE CG2  C  N N 167 
ILE CD1  C  N N 168 
ILE OXT  O  N N 169 
ILE H    H  N N 170 
ILE H2   H  N N 171 
ILE HA   H  N N 172 
ILE HB   H  N N 173 
ILE HG12 H  N N 174 
ILE HG13 H  N N 175 
ILE HG21 H  N N 176 
ILE HG22 H  N N 177 
ILE HG23 H  N N 178 
ILE HD11 H  N N 179 
ILE HD12 H  N N 180 
ILE HD13 H  N N 181 
ILE HXT  H  N N 182 
LEU N    N  N N 183 
LEU CA   C  N S 184 
LEU C    C  N N 185 
LEU O    O  N N 186 
LEU CB   C  N N 187 
LEU CG   C  N N 188 
LEU CD1  C  N N 189 
LEU CD2  C  N N 190 
LEU OXT  O  N N 191 
LEU H    H  N N 192 
LEU H2   H  N N 193 
LEU HA   H  N N 194 
LEU HB2  H  N N 195 
LEU HB3  H  N N 196 
LEU HG   H  N N 197 
LEU HD11 H  N N 198 
LEU HD12 H  N N 199 
LEU HD13 H  N N 200 
LEU HD21 H  N N 201 
LEU HD22 H  N N 202 
LEU HD23 H  N N 203 
LEU HXT  H  N N 204 
LYS N    N  N N 205 
LYS CA   C  N S 206 
LYS C    C  N N 207 
LYS O    O  N N 208 
LYS CB   C  N N 209 
LYS CG   C  N N 210 
LYS CD   C  N N 211 
LYS CE   C  N N 212 
LYS NZ   N  N N 213 
LYS OXT  O  N N 214 
LYS H    H  N N 215 
LYS H2   H  N N 216 
LYS HA   H  N N 217 
LYS HB2  H  N N 218 
LYS HB3  H  N N 219 
LYS HG2  H  N N 220 
LYS HG3  H  N N 221 
LYS HD2  H  N N 222 
LYS HD3  H  N N 223 
LYS HE2  H  N N 224 
LYS HE3  H  N N 225 
LYS HZ1  H  N N 226 
LYS HZ2  H  N N 227 
LYS HZ3  H  N N 228 
LYS HXT  H  N N 229 
MLY N    N  N N 230 
MLY CA   C  N S 231 
MLY CB   C  N N 232 
MLY CG   C  N N 233 
MLY CD   C  N N 234 
MLY CE   C  N N 235 
MLY NZ   N  N N 236 
MLY CH1  C  N N 237 
MLY CH2  C  N N 238 
MLY C    C  N N 239 
MLY O    O  N N 240 
MLY OXT  O  N N 241 
MLY H    H  N N 242 
MLY H2   H  N N 243 
MLY HA   H  N N 244 
MLY HB2  H  N N 245 
MLY HB3  H  N N 246 
MLY HG2  H  N N 247 
MLY HG3  H  N N 248 
MLY HD2  H  N N 249 
MLY HD3  H  N N 250 
MLY HE2  H  N N 251 
MLY HE3  H  N N 252 
MLY HH11 H  N N 253 
MLY HH12 H  N N 254 
MLY HH13 H  N N 255 
MLY HH21 H  N N 256 
MLY HH22 H  N N 257 
MLY HH23 H  N N 258 
MLY HXT  H  N N 259 
PHE N    N  N N 260 
PHE CA   C  N S 261 
PHE C    C  N N 262 
PHE O    O  N N 263 
PHE CB   C  N N 264 
PHE CG   C  Y N 265 
PHE CD1  C  Y N 266 
PHE CD2  C  Y N 267 
PHE CE1  C  Y N 268 
PHE CE2  C  Y N 269 
PHE CZ   C  Y N 270 
PHE OXT  O  N N 271 
PHE H    H  N N 272 
PHE H2   H  N N 273 
PHE HA   H  N N 274 
PHE HB2  H  N N 275 
PHE HB3  H  N N 276 
PHE HD1  H  N N 277 
PHE HD2  H  N N 278 
PHE HE1  H  N N 279 
PHE HE2  H  N N 280 
PHE HZ   H  N N 281 
PHE HXT  H  N N 282 
PRO N    N  N N 283 
PRO CA   C  N S 284 
PRO C    C  N N 285 
PRO O    O  N N 286 
PRO CB   C  N N 287 
PRO CG   C  N N 288 
PRO CD   C  N N 289 
PRO OXT  O  N N 290 
PRO H    H  N N 291 
PRO HA   H  N N 292 
PRO HB2  H  N N 293 
PRO HB3  H  N N 294 
PRO HG2  H  N N 295 
PRO HG3  H  N N 296 
PRO HD2  H  N N 297 
PRO HD3  H  N N 298 
PRO HXT  H  N N 299 
SER N    N  N N 300 
SER CA   C  N S 301 
SER C    C  N N 302 
SER O    O  N N 303 
SER CB   C  N N 304 
SER OG   O  N N 305 
SER OXT  O  N N 306 
SER H    H  N N 307 
SER H2   H  N N 308 
SER HA   H  N N 309 
SER HB2  H  N N 310 
SER HB3  H  N N 311 
SER HG   H  N N 312 
SER HXT  H  N N 313 
THR N    N  N N 314 
THR CA   C  N S 315 
THR C    C  N N 316 
THR O    O  N N 317 
THR CB   C  N R 318 
THR OG1  O  N N 319 
THR CG2  C  N N 320 
THR OXT  O  N N 321 
THR H    H  N N 322 
THR H2   H  N N 323 
THR HA   H  N N 324 
THR HB   H  N N 325 
THR HG1  H  N N 326 
THR HG21 H  N N 327 
THR HG22 H  N N 328 
THR HG23 H  N N 329 
THR HXT  H  N N 330 
TRP N    N  N N 331 
TRP CA   C  N S 332 
TRP C    C  N N 333 
TRP O    O  N N 334 
TRP CB   C  N N 335 
TRP CG   C  Y N 336 
TRP CD1  C  Y N 337 
TRP CD2  C  Y N 338 
TRP NE1  N  Y N 339 
TRP CE2  C  Y N 340 
TRP CE3  C  Y N 341 
TRP CZ2  C  Y N 342 
TRP CZ3  C  Y N 343 
TRP CH2  C  Y N 344 
TRP OXT  O  N N 345 
TRP H    H  N N 346 
TRP H2   H  N N 347 
TRP HA   H  N N 348 
TRP HB2  H  N N 349 
TRP HB3  H  N N 350 
TRP HD1  H  N N 351 
TRP HE1  H  N N 352 
TRP HE3  H  N N 353 
TRP HZ2  H  N N 354 
TRP HZ3  H  N N 355 
TRP HH2  H  N N 356 
TRP HXT  H  N N 357 
TYR N    N  N N 358 
TYR CA   C  N S 359 
TYR C    C  N N 360 
TYR O    O  N N 361 
TYR CB   C  N N 362 
TYR CG   C  Y N 363 
TYR CD1  C  Y N 364 
TYR CD2  C  Y N 365 
TYR CE1  C  Y N 366 
TYR CE2  C  Y N 367 
TYR CZ   C  Y N 368 
TYR OH   O  N N 369 
TYR OXT  O  N N 370 
TYR H    H  N N 371 
TYR H2   H  N N 372 
TYR HA   H  N N 373 
TYR HB2  H  N N 374 
TYR HB3  H  N N 375 
TYR HD1  H  N N 376 
TYR HD2  H  N N 377 
TYR HE1  H  N N 378 
TYR HE2  H  N N 379 
TYR HH   H  N N 380 
TYR HXT  H  N N 381 
VAL N    N  N N 382 
VAL CA   C  N S 383 
VAL C    C  N N 384 
VAL O    O  N N 385 
VAL CB   C  N N 386 
VAL CG1  C  N N 387 
VAL CG2  C  N N 388 
VAL OXT  O  N N 389 
VAL H    H  N N 390 
VAL H2   H  N N 391 
VAL HA   H  N N 392 
VAL HB   H  N N 393 
VAL HG11 H  N N 394 
VAL HG12 H  N N 395 
VAL HG13 H  N N 396 
VAL HG21 H  N N 397 
VAL HG22 H  N N 398 
VAL HG23 H  N N 399 
VAL HXT  H  N N 400 
ZN  ZN   ZN N N 401 
# 
loop_
_chem_comp_bond.comp_id 
_chem_comp_bond.atom_id_1 
_chem_comp_bond.atom_id_2 
_chem_comp_bond.value_order 
_chem_comp_bond.pdbx_aromatic_flag 
_chem_comp_bond.pdbx_stereo_config 
_chem_comp_bond.pdbx_ordinal 
ALA N   CA   sing N N 1   
ALA N   H    sing N N 2   
ALA N   H2   sing N N 3   
ALA CA  C    sing N N 4   
ALA CA  CB   sing N N 5   
ALA CA  HA   sing N N 6   
ALA C   O    doub N N 7   
ALA C   OXT  sing N N 8   
ALA CB  HB1  sing N N 9   
ALA CB  HB2  sing N N 10  
ALA CB  HB3  sing N N 11  
ALA OXT HXT  sing N N 12  
ARG N   CA   sing N N 13  
ARG N   H    sing N N 14  
ARG N   H2   sing N N 15  
ARG CA  C    sing N N 16  
ARG CA  CB   sing N N 17  
ARG CA  HA   sing N N 18  
ARG C   O    doub N N 19  
ARG C   OXT  sing N N 20  
ARG CB  CG   sing N N 21  
ARG CB  HB2  sing N N 22  
ARG CB  HB3  sing N N 23  
ARG CG  CD   sing N N 24  
ARG CG  HG2  sing N N 25  
ARG CG  HG3  sing N N 26  
ARG CD  NE   sing N N 27  
ARG CD  HD2  sing N N 28  
ARG CD  HD3  sing N N 29  
ARG NE  CZ   sing N N 30  
ARG NE  HE   sing N N 31  
ARG CZ  NH1  sing N N 32  
ARG CZ  NH2  doub N N 33  
ARG NH1 HH11 sing N N 34  
ARG NH1 HH12 sing N N 35  
ARG NH2 HH21 sing N N 36  
ARG NH2 HH22 sing N N 37  
ARG OXT HXT  sing N N 38  
ASN N   CA   sing N N 39  
ASN N   H    sing N N 40  
ASN N   H2   sing N N 41  
ASN CA  C    sing N N 42  
ASN CA  CB   sing N N 43  
ASN CA  HA   sing N N 44  
ASN C   O    doub N N 45  
ASN C   OXT  sing N N 46  
ASN CB  CG   sing N N 47  
ASN CB  HB2  sing N N 48  
ASN CB  HB3  sing N N 49  
ASN CG  OD1  doub N N 50  
ASN CG  ND2  sing N N 51  
ASN ND2 HD21 sing N N 52  
ASN ND2 HD22 sing N N 53  
ASN OXT HXT  sing N N 54  
ASP N   CA   sing N N 55  
ASP N   H    sing N N 56  
ASP N   H2   sing N N 57  
ASP CA  C    sing N N 58  
ASP CA  CB   sing N N 59  
ASP CA  HA   sing N N 60  
ASP C   O    doub N N 61  
ASP C   OXT  sing N N 62  
ASP CB  CG   sing N N 63  
ASP CB  HB2  sing N N 64  
ASP CB  HB3  sing N N 65  
ASP CG  OD1  doub N N 66  
ASP CG  OD2  sing N N 67  
ASP OD2 HD2  sing N N 68  
ASP OXT HXT  sing N N 69  
CYS N   CA   sing N N 70  
CYS N   H    sing N N 71  
CYS N   H2   sing N N 72  
CYS CA  C    sing N N 73  
CYS CA  CB   sing N N 74  
CYS CA  HA   sing N N 75  
CYS C   O    doub N N 76  
CYS C   OXT  sing N N 77  
CYS CB  SG   sing N N 78  
CYS CB  HB2  sing N N 79  
CYS CB  HB3  sing N N 80  
CYS SG  HG   sing N N 81  
CYS OXT HXT  sing N N 82  
GLN N   CA   sing N N 83  
GLN N   H    sing N N 84  
GLN N   H2   sing N N 85  
GLN CA  C    sing N N 86  
GLN CA  CB   sing N N 87  
GLN CA  HA   sing N N 88  
GLN C   O    doub N N 89  
GLN C   OXT  sing N N 90  
GLN CB  CG   sing N N 91  
GLN CB  HB2  sing N N 92  
GLN CB  HB3  sing N N 93  
GLN CG  CD   sing N N 94  
GLN CG  HG2  sing N N 95  
GLN CG  HG3  sing N N 96  
GLN CD  OE1  doub N N 97  
GLN CD  NE2  sing N N 98  
GLN NE2 HE21 sing N N 99  
GLN NE2 HE22 sing N N 100 
GLN OXT HXT  sing N N 101 
GLU N   CA   sing N N 102 
GLU N   H    sing N N 103 
GLU N   H2   sing N N 104 
GLU CA  C    sing N N 105 
GLU CA  CB   sing N N 106 
GLU CA  HA   sing N N 107 
GLU C   O    doub N N 108 
GLU C   OXT  sing N N 109 
GLU CB  CG   sing N N 110 
GLU CB  HB2  sing N N 111 
GLU CB  HB3  sing N N 112 
GLU CG  CD   sing N N 113 
GLU CG  HG2  sing N N 114 
GLU CG  HG3  sing N N 115 
GLU CD  OE1  doub N N 116 
GLU CD  OE2  sing N N 117 
GLU OE2 HE2  sing N N 118 
GLU OXT HXT  sing N N 119 
GLY N   CA   sing N N 120 
GLY N   H    sing N N 121 
GLY N   H2   sing N N 122 
GLY CA  C    sing N N 123 
GLY CA  HA2  sing N N 124 
GLY CA  HA3  sing N N 125 
GLY C   O    doub N N 126 
GLY C   OXT  sing N N 127 
GLY OXT HXT  sing N N 128 
HIS N   CA   sing N N 129 
HIS N   H    sing N N 130 
HIS N   H2   sing N N 131 
HIS CA  C    sing N N 132 
HIS CA  CB   sing N N 133 
HIS CA  HA   sing N N 134 
HIS C   O    doub N N 135 
HIS C   OXT  sing N N 136 
HIS CB  CG   sing N N 137 
HIS CB  HB2  sing N N 138 
HIS CB  HB3  sing N N 139 
HIS CG  ND1  sing Y N 140 
HIS CG  CD2  doub Y N 141 
HIS ND1 CE1  doub Y N 142 
HIS ND1 HD1  sing N N 143 
HIS CD2 NE2  sing Y N 144 
HIS CD2 HD2  sing N N 145 
HIS CE1 NE2  sing Y N 146 
HIS CE1 HE1  sing N N 147 
HIS NE2 HE2  sing N N 148 
HIS OXT HXT  sing N N 149 
HOH O   H1   sing N N 150 
HOH O   H2   sing N N 151 
ILE N   CA   sing N N 152 
ILE N   H    sing N N 153 
ILE N   H2   sing N N 154 
ILE CA  C    sing N N 155 
ILE CA  CB   sing N N 156 
ILE CA  HA   sing N N 157 
ILE C   O    doub N N 158 
ILE C   OXT  sing N N 159 
ILE CB  CG1  sing N N 160 
ILE CB  CG2  sing N N 161 
ILE CB  HB   sing N N 162 
ILE CG1 CD1  sing N N 163 
ILE CG1 HG12 sing N N 164 
ILE CG1 HG13 sing N N 165 
ILE CG2 HG21 sing N N 166 
ILE CG2 HG22 sing N N 167 
ILE CG2 HG23 sing N N 168 
ILE CD1 HD11 sing N N 169 
ILE CD1 HD12 sing N N 170 
ILE CD1 HD13 sing N N 171 
ILE OXT HXT  sing N N 172 
LEU N   CA   sing N N 173 
LEU N   H    sing N N 174 
LEU N   H2   sing N N 175 
LEU CA  C    sing N N 176 
LEU CA  CB   sing N N 177 
LEU CA  HA   sing N N 178 
LEU C   O    doub N N 179 
LEU C   OXT  sing N N 180 
LEU CB  CG   sing N N 181 
LEU CB  HB2  sing N N 182 
LEU CB  HB3  sing N N 183 
LEU CG  CD1  sing N N 184 
LEU CG  CD2  sing N N 185 
LEU CG  HG   sing N N 186 
LEU CD1 HD11 sing N N 187 
LEU CD1 HD12 sing N N 188 
LEU CD1 HD13 sing N N 189 
LEU CD2 HD21 sing N N 190 
LEU CD2 HD22 sing N N 191 
LEU CD2 HD23 sing N N 192 
LEU OXT HXT  sing N N 193 
LYS N   CA   sing N N 194 
LYS N   H    sing N N 195 
LYS N   H2   sing N N 196 
LYS CA  C    sing N N 197 
LYS CA  CB   sing N N 198 
LYS CA  HA   sing N N 199 
LYS C   O    doub N N 200 
LYS C   OXT  sing N N 201 
LYS CB  CG   sing N N 202 
LYS CB  HB2  sing N N 203 
LYS CB  HB3  sing N N 204 
LYS CG  CD   sing N N 205 
LYS CG  HG2  sing N N 206 
LYS CG  HG3  sing N N 207 
LYS CD  CE   sing N N 208 
LYS CD  HD2  sing N N 209 
LYS CD  HD3  sing N N 210 
LYS CE  NZ   sing N N 211 
LYS CE  HE2  sing N N 212 
LYS CE  HE3  sing N N 213 
LYS NZ  HZ1  sing N N 214 
LYS NZ  HZ2  sing N N 215 
LYS NZ  HZ3  sing N N 216 
LYS OXT HXT  sing N N 217 
MLY N   CA   sing N N 218 
MLY N   H    sing N N 219 
MLY N   H2   sing N N 220 
MLY CA  CB   sing N N 221 
MLY CA  C    sing N N 222 
MLY CA  HA   sing N N 223 
MLY CB  CG   sing N N 224 
MLY CB  HB2  sing N N 225 
MLY CB  HB3  sing N N 226 
MLY CG  CD   sing N N 227 
MLY CG  HG2  sing N N 228 
MLY CG  HG3  sing N N 229 
MLY CD  CE   sing N N 230 
MLY CD  HD2  sing N N 231 
MLY CD  HD3  sing N N 232 
MLY CE  NZ   sing N N 233 
MLY CE  HE2  sing N N 234 
MLY CE  HE3  sing N N 235 
MLY NZ  CH1  sing N N 236 
MLY NZ  CH2  sing N N 237 
MLY CH1 HH11 sing N N 238 
MLY CH1 HH12 sing N N 239 
MLY CH1 HH13 sing N N 240 
MLY CH2 HH21 sing N N 241 
MLY CH2 HH22 sing N N 242 
MLY CH2 HH23 sing N N 243 
MLY C   O    doub N N 244 
MLY C   OXT  sing N N 245 
MLY OXT HXT  sing N N 246 
PHE N   CA   sing N N 247 
PHE N   H    sing N N 248 
PHE N   H2   sing N N 249 
PHE CA  C    sing N N 250 
PHE CA  CB   sing N N 251 
PHE CA  HA   sing N N 252 
PHE C   O    doub N N 253 
PHE C   OXT  sing N N 254 
PHE CB  CG   sing N N 255 
PHE CB  HB2  sing N N 256 
PHE CB  HB3  sing N N 257 
PHE CG  CD1  doub Y N 258 
PHE CG  CD2  sing Y N 259 
PHE CD1 CE1  sing Y N 260 
PHE CD1 HD1  sing N N 261 
PHE CD2 CE2  doub Y N 262 
PHE CD2 HD2  sing N N 263 
PHE CE1 CZ   doub Y N 264 
PHE CE1 HE1  sing N N 265 
PHE CE2 CZ   sing Y N 266 
PHE CE2 HE2  sing N N 267 
PHE CZ  HZ   sing N N 268 
PHE OXT HXT  sing N N 269 
PRO N   CA   sing N N 270 
PRO N   CD   sing N N 271 
PRO N   H    sing N N 272 
PRO CA  C    sing N N 273 
PRO CA  CB   sing N N 274 
PRO CA  HA   sing N N 275 
PRO C   O    doub N N 276 
PRO C   OXT  sing N N 277 
PRO CB  CG   sing N N 278 
PRO CB  HB2  sing N N 279 
PRO CB  HB3  sing N N 280 
PRO CG  CD   sing N N 281 
PRO CG  HG2  sing N N 282 
PRO CG  HG3  sing N N 283 
PRO CD  HD2  sing N N 284 
PRO CD  HD3  sing N N 285 
PRO OXT HXT  sing N N 286 
SER N   CA   sing N N 287 
SER N   H    sing N N 288 
SER N   H2   sing N N 289 
SER CA  C    sing N N 290 
SER CA  CB   sing N N 291 
SER CA  HA   sing N N 292 
SER C   O    doub N N 293 
SER C   OXT  sing N N 294 
SER CB  OG   sing N N 295 
SER CB  HB2  sing N N 296 
SER CB  HB3  sing N N 297 
SER OG  HG   sing N N 298 
SER OXT HXT  sing N N 299 
THR N   CA   sing N N 300 
THR N   H    sing N N 301 
THR N   H2   sing N N 302 
THR CA  C    sing N N 303 
THR CA  CB   sing N N 304 
THR CA  HA   sing N N 305 
THR C   O    doub N N 306 
THR C   OXT  sing N N 307 
THR CB  OG1  sing N N 308 
THR CB  CG2  sing N N 309 
THR CB  HB   sing N N 310 
THR OG1 HG1  sing N N 311 
THR CG2 HG21 sing N N 312 
THR CG2 HG22 sing N N 313 
THR CG2 HG23 sing N N 314 
THR OXT HXT  sing N N 315 
TRP N   CA   sing N N 316 
TRP N   H    sing N N 317 
TRP N   H2   sing N N 318 
TRP CA  C    sing N N 319 
TRP CA  CB   sing N N 320 
TRP CA  HA   sing N N 321 
TRP C   O    doub N N 322 
TRP C   OXT  sing N N 323 
TRP CB  CG   sing N N 324 
TRP CB  HB2  sing N N 325 
TRP CB  HB3  sing N N 326 
TRP CG  CD1  doub Y N 327 
TRP CG  CD2  sing Y N 328 
TRP CD1 NE1  sing Y N 329 
TRP CD1 HD1  sing N N 330 
TRP CD2 CE2  doub Y N 331 
TRP CD2 CE3  sing Y N 332 
TRP NE1 CE2  sing Y N 333 
TRP NE1 HE1  sing N N 334 
TRP CE2 CZ2  sing Y N 335 
TRP CE3 CZ3  doub Y N 336 
TRP CE3 HE3  sing N N 337 
TRP CZ2 CH2  doub Y N 338 
TRP CZ2 HZ2  sing N N 339 
TRP CZ3 CH2  sing Y N 340 
TRP CZ3 HZ3  sing N N 341 
TRP CH2 HH2  sing N N 342 
TRP OXT HXT  sing N N 343 
TYR N   CA   sing N N 344 
TYR N   H    sing N N 345 
TYR N   H2   sing N N 346 
TYR CA  C    sing N N 347 
TYR CA  CB   sing N N 348 
TYR CA  HA   sing N N 349 
TYR C   O    doub N N 350 
TYR C   OXT  sing N N 351 
TYR CB  CG   sing N N 352 
TYR CB  HB2  sing N N 353 
TYR CB  HB3  sing N N 354 
TYR CG  CD1  doub Y N 355 
TYR CG  CD2  sing Y N 356 
TYR CD1 CE1  sing Y N 357 
TYR CD1 HD1  sing N N 358 
TYR CD2 CE2  doub Y N 359 
TYR CD2 HD2  sing N N 360 
TYR CE1 CZ   doub Y N 361 
TYR CE1 HE1  sing N N 362 
TYR CE2 CZ   sing Y N 363 
TYR CE2 HE2  sing N N 364 
TYR CZ  OH   sing N N 365 
TYR OH  HH   sing N N 366 
TYR OXT HXT  sing N N 367 
VAL N   CA   sing N N 368 
VAL N   H    sing N N 369 
VAL N   H2   sing N N 370 
VAL CA  C    sing N N 371 
VAL CA  CB   sing N N 372 
VAL CA  HA   sing N N 373 
VAL C   O    doub N N 374 
VAL C   OXT  sing N N 375 
VAL CB  CG1  sing N N 376 
VAL CB  CG2  sing N N 377 
VAL CB  HB   sing N N 378 
VAL CG1 HG11 sing N N 379 
VAL CG1 HG12 sing N N 380 
VAL CG1 HG13 sing N N 381 
VAL CG2 HG21 sing N N 382 
VAL CG2 HG22 sing N N 383 
VAL CG2 HG23 sing N N 384 
VAL OXT HXT  sing N N 385 
# 
loop_
_pdbx_entity_instance_feature.ordinal 
_pdbx_entity_instance_feature.comp_id 
_pdbx_entity_instance_feature.asym_id 
_pdbx_entity_instance_feature.seq_num 
_pdbx_entity_instance_feature.auth_comp_id 
_pdbx_entity_instance_feature.auth_asym_id 
_pdbx_entity_instance_feature.auth_seq_num 
_pdbx_entity_instance_feature.feature_type 
_pdbx_entity_instance_feature.details 
1 MLY ? ? MLY ? ? 'SUBJECT OF INVESTIGATION' ? 
2 ZN  ? ? ZN  ? ? 'SUBJECT OF INVESTIGATION' ? 
# 
loop_
_pdbx_entity_nonpoly.entity_id 
_pdbx_entity_nonpoly.name 
_pdbx_entity_nonpoly.comp_id 
3 'ZINC ION' ZN  
4 water      HOH 
# 
_pdbx_initial_refinement_model.id               1 
_pdbx_initial_refinement_model.entity_id_list   ? 
_pdbx_initial_refinement_model.type             'experimental model' 
_pdbx_initial_refinement_model.source_name      PDB 
_pdbx_initial_refinement_model.accession_code   2FSA 
_pdbx_initial_refinement_model.details          ? 
# 
_pdbx_struct_assembly_auth_evidence.id                     1 
_pdbx_struct_assembly_auth_evidence.assembly_id            1 
_pdbx_struct_assembly_auth_evidence.experimental_support   'isothermal titration calorimetry' 
_pdbx_struct_assembly_auth_evidence.details                ? 
# 
